data_1H9Y
#
_entry.id   1H9Y
#
_cell.length_a   127.573
_cell.length_b   127.573
_cell.length_c   263.201
_cell.angle_alpha   90.00
_cell.angle_beta   90.00
_cell.angle_gamma   90.00
#
_symmetry.space_group_name_H-M   'P 43 21 2'
#
loop_
_entity.id
_entity.type
_entity.pdbx_description
1 polymer 'CYTOCHROME CD1 NITRITE REDUCTASE'
2 non-polymer 'HEME C'
3 non-polymer 'HEME D'
4 non-polymer 'CYANIDE ION'
5 non-polymer 'SULFATE ION'
6 water water
#
_entity_poly.entity_id   1
_entity_poly.type   'polypeptide(L)'
_entity_poly.pdbx_seq_one_letter_code
;QEQVAPPKDPAAALEDHKTRTDNRYEPSLDNLAQQDVAAPGAPEGVSALSDAQYNEANKIYFERCAGCHGVLRKGATGKA
LTPDLTRDLGFDYLQSFITYGSPAGMPNWGTSGELSAEQVDLMANYLLLDPAAPPEFGMKEMRESWKVHVAPEDRPTQQE
NDWDLENLFSVTLRDAGQIALIDGATYEIKSVLDTGYAVHISRLSASGRYLFVIGRDGKVNMIDLWMKEPTTVAEIKIGS
EARSIETSKMEGWEDKYAIAGAYWPPQYVIMDGETLEPKKIQSTRGMTYDEQEYHPEPRVAAILASHYRPEFIVNVKETG
KILLVDYTDLDNLKTTEISAERFLHDGGLDGSHRYFITAANARNKLVVIDTKEGKLVAIEDTGGQTPHPGRGANFVHPTF
GPVWATSHMGDDSVALIGTDPEGHPDNAWKILDSFPALGGGSLFIKTHPNSQYLYVDATLNPEAEISGSVAVFDIKAMTG
DGSDPEFKTLPIAEWAGITEGQPRVVQGEFNKDGTEVWFSVWNGKDQESALVVVDDKTLELKHVIKDERLVTPTGKFNVY
NTMTDTY
;
_entity_poly.pdbx_strand_id   A,B
#
loop_
_chem_comp.id
_chem_comp.type
_chem_comp.name
_chem_comp.formula
CYN non-polymer 'CYANIDE ION' 'C N -1'
DHE non-polymer 'HEME D' 'C34 H32 Fe N4 O10'
HEC non-polymer 'HEME C' 'C34 H34 Fe N4 O4'
SO4 non-polymer 'SULFATE ION' 'O4 S -2'
#
# COMPACT_ATOMS: atom_id res chain seq x y z
N ALA A 48 0.44 -6.48 -40.63
CA ALA A 48 1.38 -7.16 -39.70
C ALA A 48 2.67 -6.34 -39.50
N LEU A 49 2.77 -5.83 -38.28
CA LEU A 49 3.85 -4.99 -37.81
C LEU A 49 4.97 -5.74 -37.12
N SER A 50 6.23 -5.41 -37.34
CA SER A 50 7.30 -6.14 -36.65
C SER A 50 7.35 -5.83 -35.15
N ASP A 51 8.13 -6.64 -34.43
CA ASP A 51 8.29 -6.49 -32.99
C ASP A 51 8.89 -5.13 -32.64
N ALA A 52 9.96 -4.77 -33.34
CA ALA A 52 10.63 -3.51 -33.13
C ALA A 52 9.67 -2.35 -33.37
N GLN A 53 8.99 -2.39 -34.51
CA GLN A 53 8.04 -1.37 -34.90
C GLN A 53 6.94 -1.22 -33.84
N TYR A 54 6.47 -2.36 -33.39
CA TYR A 54 5.43 -2.46 -32.38
C TYR A 54 5.90 -1.89 -31.04
N ASN A 55 7.12 -2.23 -30.61
CA ASN A 55 7.67 -1.70 -29.37
C ASN A 55 7.73 -0.17 -29.48
N GLU A 56 8.25 0.27 -30.61
CA GLU A 56 8.34 1.67 -30.97
C GLU A 56 6.98 2.36 -30.89
N ALA A 57 5.97 1.80 -31.51
CA ALA A 57 4.63 2.34 -31.49
C ALA A 57 4.06 2.40 -30.08
N ASN A 58 4.32 1.41 -29.27
CA ASN A 58 3.89 1.31 -27.89
C ASN A 58 4.50 2.37 -26.99
N LYS A 59 5.80 2.60 -27.13
CA LYS A 59 6.53 3.61 -26.37
C LYS A 59 5.93 4.97 -26.70
N ILE A 60 5.77 5.23 -27.99
CA ILE A 60 5.15 6.49 -28.40
C ILE A 60 3.75 6.56 -27.81
N TYR A 61 2.96 5.49 -27.95
CA TYR A 61 1.59 5.56 -27.45
C TYR A 61 1.50 5.95 -25.97
N PHE A 62 2.23 5.24 -25.12
CA PHE A 62 2.20 5.48 -23.69
C PHE A 62 2.89 6.76 -23.26
N GLU A 63 3.87 7.17 -24.04
CA GLU A 63 4.61 8.38 -23.71
C GLU A 63 3.88 9.61 -24.21
N ARG A 64 3.34 9.55 -25.43
CA ARG A 64 2.74 10.75 -26.02
C ARG A 64 1.25 10.75 -26.30
N CYS A 65 0.55 9.63 -26.22
CA CYS A 65 -0.87 9.59 -26.50
C CYS A 65 -1.80 9.30 -25.34
N ALA A 66 -1.43 8.38 -24.47
CA ALA A 66 -2.24 7.96 -23.34
C ALA A 66 -2.75 9.10 -22.48
N GLY A 67 -1.98 10.17 -22.37
CA GLY A 67 -2.32 11.33 -21.57
C GLY A 67 -3.74 11.81 -21.82
N CYS A 68 -4.11 11.90 -23.08
CA CYS A 68 -5.42 12.32 -23.50
C CYS A 68 -6.26 11.15 -24.03
N HIS A 69 -5.62 10.08 -24.52
CA HIS A 69 -6.49 9.01 -25.03
C HIS A 69 -6.70 7.88 -24.04
N GLY A 70 -6.02 7.90 -22.90
CA GLY A 70 -6.24 6.82 -21.94
C GLY A 70 -5.26 5.69 -22.17
N VAL A 71 -4.84 5.07 -21.08
CA VAL A 71 -3.90 3.95 -21.17
C VAL A 71 -4.47 2.70 -21.80
N LEU A 72 -5.79 2.53 -21.85
CA LEU A 72 -6.42 1.39 -22.50
C LEU A 72 -7.12 1.86 -23.77
N ARG A 73 -6.82 3.10 -24.17
CA ARG A 73 -7.31 3.78 -25.34
C ARG A 73 -8.83 3.93 -25.35
N LYS A 74 -9.43 4.12 -24.19
CA LYS A 74 -10.86 4.28 -24.10
C LYS A 74 -11.28 5.75 -24.10
N GLY A 75 -10.32 6.64 -24.08
CA GLY A 75 -10.55 8.07 -24.15
C GLY A 75 -10.50 8.76 -22.80
N ALA A 76 -10.20 10.05 -22.86
CA ALA A 76 -10.17 10.95 -21.73
C ALA A 76 -10.68 12.26 -22.36
N THR A 77 -9.78 13.17 -22.69
CA THR A 77 -10.23 14.39 -23.37
C THR A 77 -10.23 14.06 -24.86
N GLY A 78 -9.36 13.12 -25.23
CA GLY A 78 -9.27 12.64 -26.60
C GLY A 78 -10.25 11.47 -26.76
N LYS A 79 -10.58 11.16 -28.03
CA LYS A 79 -11.52 10.09 -28.26
C LYS A 79 -10.97 8.69 -28.02
N ALA A 80 -11.91 7.77 -27.84
CA ALA A 80 -11.56 6.35 -27.67
C ALA A 80 -10.87 5.96 -28.98
N LEU A 81 -9.84 5.12 -28.91
CA LEU A 81 -9.09 4.68 -30.05
C LEU A 81 -8.97 3.16 -30.03
N THR A 82 -9.99 2.55 -29.45
CA THR A 82 -10.09 1.09 -29.40
C THR A 82 -10.39 0.61 -30.80
N PRO A 83 -9.91 -0.56 -31.17
CA PRO A 83 -10.02 -1.11 -32.50
C PRO A 83 -11.40 -1.23 -33.09
N ASP A 84 -12.47 -1.28 -32.32
CA ASP A 84 -13.84 -1.32 -32.79
C ASP A 84 -14.23 -0.02 -33.47
N LEU A 85 -13.62 1.10 -33.09
CA LEU A 85 -13.87 2.37 -33.75
C LEU A 85 -12.87 2.65 -34.87
N THR A 86 -11.60 2.38 -34.61
CA THR A 86 -10.53 2.69 -35.54
C THR A 86 -10.56 1.86 -36.81
N ARG A 87 -10.86 0.57 -36.77
CA ARG A 87 -10.89 -0.24 -37.99
C ARG A 87 -11.94 0.29 -38.96
N ASP A 88 -13.06 0.81 -38.47
CA ASP A 88 -14.05 1.46 -39.29
C ASP A 88 -13.59 2.77 -39.91
N LEU A 89 -12.79 3.55 -39.18
CA LEU A 89 -12.24 4.80 -39.69
C LEU A 89 -11.19 4.48 -40.75
N GLY A 90 -10.36 3.46 -40.51
CA GLY A 90 -9.36 3.05 -41.48
C GLY A 90 -8.05 3.82 -41.41
N PHE A 91 -7.00 3.21 -41.95
CA PHE A 91 -5.66 3.76 -41.98
C PHE A 91 -5.62 5.23 -42.39
N ASP A 92 -6.00 5.53 -43.64
CA ASP A 92 -5.99 6.87 -44.21
C ASP A 92 -6.58 7.94 -43.30
N TYR A 93 -7.75 7.65 -42.76
CA TYR A 93 -8.41 8.59 -41.86
C TYR A 93 -7.53 8.81 -40.63
N LEU A 94 -6.98 7.75 -40.07
CA LEU A 94 -6.14 7.81 -38.88
C LEU A 94 -4.84 8.55 -39.17
N GLN A 95 -4.27 8.33 -40.35
CA GLN A 95 -3.02 8.96 -40.78
C GLN A 95 -3.21 10.46 -40.99
N SER A 96 -4.35 10.84 -41.55
CA SER A 96 -4.61 12.27 -41.77
C SER A 96 -4.76 12.97 -40.43
N PHE A 97 -5.58 12.38 -39.56
CA PHE A 97 -5.81 12.90 -38.24
C PHE A 97 -4.54 13.05 -37.40
N ILE A 98 -3.68 12.06 -37.39
CA ILE A 98 -2.43 12.12 -36.66
C ILE A 98 -1.50 13.15 -37.28
N THR A 99 -1.47 13.24 -38.61
CA THR A 99 -0.67 14.20 -39.32
C THR A 99 -1.05 15.66 -39.02
N TYR A 100 -2.29 16.04 -39.20
CA TYR A 100 -2.75 17.41 -39.11
C TYR A 100 -3.46 17.79 -37.83
N GLY A 101 -3.84 16.81 -37.01
CA GLY A 101 -4.49 17.06 -35.75
C GLY A 101 -5.86 17.70 -35.97
N SER A 102 -6.38 18.35 -34.95
CA SER A 102 -7.66 19.03 -35.10
C SER A 102 -7.70 20.18 -34.12
N PRO A 103 -8.46 21.23 -34.40
CA PRO A 103 -8.61 22.38 -33.54
C PRO A 103 -9.37 22.08 -32.26
N ALA A 104 -9.89 20.86 -32.08
CA ALA A 104 -10.58 20.51 -30.85
C ALA A 104 -9.60 20.08 -29.76
N GLY A 105 -8.30 20.08 -29.99
CA GLY A 105 -7.30 19.77 -28.99
C GLY A 105 -6.38 18.62 -29.39
N MET A 106 -6.53 18.08 -30.59
CA MET A 106 -5.65 16.96 -31.00
C MET A 106 -4.43 17.53 -31.71
N PRO A 107 -3.25 17.36 -31.16
CA PRO A 107 -2.03 17.89 -31.76
C PRO A 107 -1.85 17.42 -33.19
N ASN A 108 -1.14 18.27 -33.94
CA ASN A 108 -0.76 17.95 -35.31
C ASN A 108 0.61 17.29 -35.29
N TRP A 109 0.67 16.03 -34.88
CA TRP A 109 1.91 15.28 -34.76
C TRP A 109 2.82 15.32 -35.98
N GLY A 110 2.31 15.03 -37.17
CA GLY A 110 3.17 15.03 -38.36
C GLY A 110 3.63 16.42 -38.78
N THR A 111 2.69 17.32 -38.90
CA THR A 111 2.86 18.70 -39.35
C THR A 111 3.65 19.56 -38.39
N SER A 112 3.72 19.14 -37.12
CA SER A 112 4.55 19.82 -36.13
C SER A 112 5.93 19.18 -36.10
N GLY A 113 6.17 18.09 -36.82
CA GLY A 113 7.47 17.45 -36.79
C GLY A 113 7.80 16.73 -35.49
N GLU A 114 6.85 16.57 -34.58
CA GLU A 114 7.09 15.83 -33.34
C GLU A 114 7.19 14.34 -33.66
N LEU A 115 6.41 13.89 -34.63
CA LEU A 115 6.46 12.52 -35.13
C LEU A 115 6.88 12.63 -36.60
N SER A 116 7.71 11.73 -37.07
CA SER A 116 8.13 11.72 -38.46
C SER A 116 7.01 11.08 -39.27
N ALA A 117 7.14 11.12 -40.59
CA ALA A 117 6.14 10.47 -41.46
C ALA A 117 6.11 8.97 -41.18
N GLU A 118 7.24 8.33 -40.96
CA GLU A 118 7.33 6.91 -40.61
C GLU A 118 6.54 6.69 -39.32
N GLN A 119 6.78 7.51 -38.29
CA GLN A 119 6.09 7.41 -37.01
C GLN A 119 4.60 7.62 -37.12
N VAL A 120 4.15 8.59 -37.91
CA VAL A 120 2.73 8.78 -38.12
C VAL A 120 2.09 7.51 -38.69
N ASP A 121 2.71 6.90 -39.70
CA ASP A 121 2.17 5.67 -40.27
C ASP A 121 2.29 4.54 -39.25
N LEU A 122 3.35 4.58 -38.45
CA LEU A 122 3.54 3.61 -37.39
C LEU A 122 2.39 3.70 -36.37
N MET A 123 2.02 4.91 -35.96
CA MET A 123 0.93 5.10 -35.04
C MET A 123 -0.42 4.77 -35.67
N ALA A 124 -0.65 5.05 -36.94
CA ALA A 124 -1.93 4.72 -37.57
C ALA A 124 -2.14 3.21 -37.63
N ASN A 125 -1.12 2.41 -37.94
CA ASN A 125 -1.28 0.97 -37.95
C ASN A 125 -1.48 0.42 -36.54
N TYR A 126 -0.78 0.96 -35.56
CA TYR A 126 -0.87 0.54 -34.18
C TYR A 126 -2.28 0.68 -33.63
N LEU A 127 -2.99 1.76 -33.98
CA LEU A 127 -4.34 2.00 -33.55
C LEU A 127 -5.37 1.04 -34.13
N LEU A 128 -5.04 0.35 -35.22
CA LEU A 128 -5.91 -0.66 -35.80
C LEU A 128 -5.74 -1.98 -35.04
N LEU A 129 -4.69 -2.11 -34.24
CA LEU A 129 -4.41 -3.30 -33.46
C LEU A 129 -5.07 -3.24 -32.09
N ASP A 130 -5.21 -4.40 -31.46
CA ASP A 130 -5.78 -4.52 -30.13
C ASP A 130 -4.89 -3.80 -29.11
N PRO A 131 -5.52 -3.11 -28.17
CA PRO A 131 -4.82 -2.34 -27.15
C PRO A 131 -3.75 -3.12 -26.41
N ALA A 132 -2.55 -2.53 -26.30
CA ALA A 132 -1.49 -3.19 -25.55
C ALA A 132 -1.74 -3.11 -24.05
N ALA A 133 -1.10 -3.94 -23.28
CA ALA A 133 -1.16 -3.92 -21.82
C ALA A 133 -0.43 -2.69 -21.27
N PRO A 134 -1.12 -1.86 -20.52
CA PRO A 134 -0.56 -0.65 -19.91
C PRO A 134 0.67 -0.99 -19.08
N PRO A 135 1.76 -0.28 -19.27
CA PRO A 135 3.00 -0.52 -18.58
C PRO A 135 3.12 0.17 -17.22
N GLU A 136 4.08 -0.27 -16.44
CA GLU A 136 4.42 0.30 -15.14
C GLU A 136 5.32 1.49 -15.41
N PHE A 137 5.60 2.29 -14.40
CA PHE A 137 6.44 3.47 -14.58
C PHE A 137 7.16 3.72 -13.26
N GLY A 138 8.21 2.95 -13.04
CA GLY A 138 8.99 2.99 -11.81
C GLY A 138 10.15 3.96 -11.81
N MET A 139 11.10 3.77 -10.91
CA MET A 139 12.23 4.66 -10.74
C MET A 139 13.08 4.81 -11.99
N LYS A 140 13.37 3.69 -12.65
CA LYS A 140 14.22 3.69 -13.82
C LYS A 140 13.64 4.54 -14.94
N GLU A 141 12.36 4.38 -15.19
CA GLU A 141 11.67 5.16 -16.21
C GLU A 141 11.57 6.61 -15.77
N MET A 142 11.38 6.90 -14.48
CA MET A 142 11.29 8.29 -14.06
C MET A 142 12.65 8.99 -14.22
N ARG A 143 13.71 8.31 -13.81
CA ARG A 143 15.05 8.89 -13.85
C ARG A 143 15.49 9.14 -15.28
N GLU A 144 15.10 8.29 -16.22
CA GLU A 144 15.42 8.44 -17.62
C GLU A 144 14.78 9.69 -18.22
N SER A 145 13.61 10.06 -17.73
CA SER A 145 12.94 11.28 -18.15
C SER A 145 13.40 12.47 -17.31
N TRP A 146 14.02 12.24 -16.16
CA TRP A 146 14.45 13.33 -15.30
C TRP A 146 15.54 14.19 -15.95
N LYS A 147 15.32 15.50 -15.97
CA LYS A 147 16.26 16.43 -16.55
C LYS A 147 16.38 17.73 -15.76
N VAL A 148 17.56 18.02 -15.25
CA VAL A 148 17.85 19.26 -14.54
C VAL A 148 18.57 20.17 -15.54
N HIS A 149 17.88 21.19 -16.01
CA HIS A 149 18.39 22.12 -17.02
C HIS A 149 19.32 23.16 -16.41
N VAL A 150 19.03 23.57 -15.18
CA VAL A 150 19.83 24.54 -14.46
C VAL A 150 20.04 24.02 -13.04
N ALA A 151 21.21 23.45 -12.77
CA ALA A 151 21.49 22.96 -11.43
C ALA A 151 21.25 24.11 -10.46
N PRO A 152 20.86 23.78 -9.23
CA PRO A 152 20.60 24.73 -8.18
C PRO A 152 21.74 25.64 -7.83
N GLU A 153 22.99 25.18 -7.84
CA GLU A 153 24.17 25.99 -7.61
C GLU A 153 24.36 27.04 -8.69
N ASP A 154 23.78 26.88 -9.87
CA ASP A 154 23.88 27.81 -10.95
C ASP A 154 22.70 28.77 -11.07
N ARG A 155 21.72 28.67 -10.18
CA ARG A 155 20.57 29.57 -10.27
C ARG A 155 20.80 30.82 -9.42
N PRO A 156 19.96 31.81 -9.64
CA PRO A 156 20.02 33.06 -8.89
C PRO A 156 19.88 32.82 -7.39
N THR A 157 20.50 33.70 -6.61
CA THR A 157 20.40 33.61 -5.15
C THR A 157 19.41 34.66 -4.68
N GLN A 158 18.90 35.45 -5.63
CA GLN A 158 17.87 36.43 -5.36
C GLN A 158 17.07 36.71 -6.63
N GLN A 159 15.86 37.24 -6.46
CA GLN A 159 15.01 37.54 -7.60
C GLN A 159 15.78 38.41 -8.59
N GLU A 160 16.07 37.91 -9.79
CA GLU A 160 16.83 38.70 -10.76
C GLU A 160 15.99 39.35 -11.83
N ASN A 161 14.68 39.40 -11.66
CA ASN A 161 13.80 40.08 -12.60
C ASN A 161 13.10 41.20 -11.82
N ASP A 162 12.44 42.10 -12.52
CA ASP A 162 11.73 43.21 -11.91
C ASP A 162 10.28 42.88 -11.59
N TRP A 163 9.84 41.65 -11.89
CA TRP A 163 8.44 41.32 -11.70
C TRP A 163 7.98 41.32 -10.23
N ASP A 164 6.67 41.35 -10.16
CA ASP A 164 5.97 41.28 -8.88
C ASP A 164 5.37 39.88 -8.80
N LEU A 165 6.25 38.95 -8.47
CA LEU A 165 6.02 37.53 -8.45
C LEU A 165 4.77 37.10 -7.71
N GLU A 166 4.57 37.63 -6.50
CA GLU A 166 3.43 37.24 -5.71
C GLU A 166 2.10 37.60 -6.36
N ASN A 167 2.03 38.56 -7.27
CA ASN A 167 0.71 38.89 -7.83
C ASN A 167 0.62 38.38 -9.25
N LEU A 168 1.55 37.53 -9.69
CA LEU A 168 1.49 36.94 -11.01
C LEU A 168 0.40 35.87 -11.03
N PHE A 169 -0.15 35.62 -12.22
CA PHE A 169 -1.15 34.59 -12.42
C PHE A 169 -0.56 33.56 -13.39
N SER A 170 -0.57 32.29 -13.02
CA SER A 170 -0.08 31.24 -13.91
C SER A 170 -1.34 30.69 -14.58
N VAL A 171 -1.49 30.95 -15.88
CA VAL A 171 -2.71 30.54 -16.57
C VAL A 171 -2.49 29.38 -17.51
N THR A 172 -3.40 28.42 -17.44
CA THR A 172 -3.38 27.23 -18.25
C THR A 172 -3.90 27.48 -19.66
N LEU A 173 -3.03 27.29 -20.63
CA LEU A 173 -3.43 27.44 -22.04
C LEU A 173 -3.64 26.01 -22.57
N ARG A 174 -4.81 25.47 -22.26
CA ARG A 174 -5.09 24.06 -22.43
C ARG A 174 -4.69 23.39 -23.72
N ASP A 175 -5.15 23.83 -24.88
CA ASP A 175 -4.77 23.18 -26.13
C ASP A 175 -3.49 23.70 -26.74
N ALA A 176 -2.74 24.53 -26.03
CA ALA A 176 -1.49 25.08 -26.57
C ALA A 176 -0.28 24.46 -25.90
N GLY A 177 -0.51 23.67 -24.85
CA GLY A 177 0.56 22.99 -24.14
C GLY A 177 1.46 23.96 -23.39
N GLN A 178 0.91 25.11 -22.97
CA GLN A 178 1.67 26.16 -22.35
C GLN A 178 1.03 26.77 -21.12
N ILE A 179 1.80 27.57 -20.41
CA ILE A 179 1.20 28.36 -19.31
C ILE A 179 1.55 29.81 -19.63
N ALA A 180 0.65 30.73 -19.36
CA ALA A 180 0.98 32.14 -19.54
C ALA A 180 1.18 32.78 -18.15
N LEU A 181 2.33 33.41 -17.92
CA LEU A 181 2.57 34.14 -16.68
C LEU A 181 2.11 35.58 -16.92
N ILE A 182 1.06 36.03 -16.23
CA ILE A 182 0.50 37.35 -16.42
C ILE A 182 0.55 38.25 -15.20
N ASP A 183 0.94 39.52 -15.42
CA ASP A 183 1.04 40.49 -14.34
C ASP A 183 -0.33 40.78 -13.76
N GLY A 184 -0.49 40.64 -12.45
CA GLY A 184 -1.76 40.88 -11.80
C GLY A 184 -2.26 42.32 -11.74
N ALA A 185 -1.41 43.32 -11.95
CA ALA A 185 -1.82 44.71 -11.88
C ALA A 185 -1.84 45.39 -13.24
N THR A 186 -0.81 45.13 -14.05
CA THR A 186 -0.76 45.77 -15.37
C THR A 186 -1.55 44.98 -16.39
N TYR A 187 -1.79 43.71 -16.09
CA TYR A 187 -2.52 42.74 -16.88
C TYR A 187 -1.76 42.35 -18.13
N GLU A 188 -0.44 42.54 -18.12
CA GLU A 188 0.42 42.23 -19.24
C GLU A 188 0.87 40.77 -19.22
N ILE A 189 0.93 40.17 -20.42
CA ILE A 189 1.44 38.80 -20.49
C ILE A 189 2.95 38.88 -20.40
N LYS A 190 3.49 38.54 -19.24
CA LYS A 190 4.92 38.60 -19.00
C LYS A 190 5.65 37.54 -19.81
N SER A 191 5.03 36.37 -19.94
CA SER A 191 5.64 35.26 -20.66
C SER A 191 4.68 34.10 -20.86
N VAL A 192 5.00 33.33 -21.90
CA VAL A 192 4.25 32.14 -22.29
C VAL A 192 5.28 31.01 -22.31
N LEU A 193 5.13 30.03 -21.43
CA LEU A 193 6.14 28.98 -21.32
C LEU A 193 5.66 27.61 -21.76
N ASP A 194 6.47 26.89 -22.52
CA ASP A 194 6.08 25.55 -22.91
C ASP A 194 6.25 24.61 -21.72
N THR A 195 5.22 23.81 -21.47
CA THR A 195 5.29 22.79 -20.42
C THR A 195 5.14 21.45 -21.14
N GLY A 196 4.01 21.30 -21.82
CA GLY A 196 3.79 20.09 -22.63
C GLY A 196 2.28 19.93 -22.81
N TYR A 197 1.87 19.14 -23.78
CA TYR A 197 0.49 18.86 -24.10
C TYR A 197 -0.23 18.31 -22.88
N ALA A 198 -1.51 18.67 -22.81
CA ALA A 198 -2.37 18.23 -21.72
C ALA A 198 -2.15 18.99 -20.41
N VAL A 199 -1.37 20.08 -20.45
CA VAL A 199 -1.09 20.84 -19.23
C VAL A 199 -2.41 21.04 -18.50
N HIS A 200 -2.40 20.77 -17.20
CA HIS A 200 -3.63 20.93 -16.45
C HIS A 200 -3.56 22.05 -15.44
N ILE A 201 -2.59 22.04 -14.52
CA ILE A 201 -2.55 23.05 -13.48
C ILE A 201 -1.17 23.44 -12.96
N SER A 202 -1.19 24.60 -12.28
CA SER A 202 0.02 25.15 -11.70
C SER A 202 -0.12 25.20 -10.19
N ARG A 203 1.00 24.97 -9.51
CA ARG A 203 1.09 25.04 -8.06
C ARG A 203 2.41 25.74 -7.74
N LEU A 204 2.49 26.36 -6.57
CA LEU A 204 3.65 27.11 -6.16
C LEU A 204 4.28 26.52 -4.89
N SER A 205 5.61 26.56 -4.84
CA SER A 205 6.34 26.12 -3.66
C SER A 205 5.99 27.09 -2.53
N ALA A 206 6.19 26.69 -1.29
CA ALA A 206 5.80 27.54 -0.16
C ALA A 206 6.38 28.94 -0.18
N SER A 207 7.59 29.18 -0.65
CA SER A 207 8.20 30.48 -0.68
C SER A 207 7.71 31.36 -1.83
N GLY A 208 7.17 30.77 -2.89
CA GLY A 208 6.67 31.55 -4.01
C GLY A 208 7.70 31.63 -5.13
N ARG A 209 8.88 31.06 -4.94
CA ARG A 209 9.91 31.09 -5.96
C ARG A 209 9.74 30.08 -7.10
N TYR A 210 9.34 28.86 -6.77
CA TYR A 210 9.23 27.82 -7.78
C TYR A 210 7.81 27.50 -8.20
N LEU A 211 7.63 27.49 -9.51
CA LEU A 211 6.34 27.18 -10.13
C LEU A 211 6.39 25.78 -10.73
N PHE A 212 5.45 24.96 -10.29
CA PHE A 212 5.36 23.58 -10.74
C PHE A 212 4.11 23.39 -11.61
N VAL A 213 4.28 22.84 -12.82
CA VAL A 213 3.09 22.60 -13.62
C VAL A 213 3.02 21.10 -13.97
N ILE A 214 1.79 20.60 -14.01
CA ILE A 214 1.61 19.19 -14.35
C ILE A 214 0.59 19.06 -15.47
N GLY A 215 0.86 18.14 -16.41
CA GLY A 215 -0.06 17.88 -17.50
C GLY A 215 -0.70 16.51 -17.36
N ARG A 216 -1.72 16.25 -18.21
CA ARG A 216 -2.39 14.95 -18.16
C ARG A 216 -1.51 13.75 -18.51
N ASP A 217 -0.37 13.92 -19.17
CA ASP A 217 0.52 12.79 -19.46
C ASP A 217 1.47 12.55 -18.30
N GLY A 218 1.35 13.30 -17.21
CA GLY A 218 2.23 13.12 -16.06
C GLY A 218 3.55 13.86 -16.21
N LYS A 219 3.63 14.77 -17.19
CA LYS A 219 4.82 15.58 -17.38
C LYS A 219 4.90 16.70 -16.34
N VAL A 220 5.96 16.71 -15.53
CA VAL A 220 6.13 17.77 -14.54
C VAL A 220 7.20 18.78 -14.94
N ASN A 221 6.89 20.07 -14.88
CA ASN A 221 7.85 21.12 -15.17
C ASN A 221 8.08 21.98 -13.93
N MET A 222 9.33 22.28 -13.65
CA MET A 222 9.63 23.17 -12.53
C MET A 222 10.23 24.45 -13.11
N ILE A 223 9.63 25.58 -12.78
CA ILE A 223 10.04 26.89 -13.25
C ILE A 223 10.50 27.81 -12.13
N ASP A 224 11.72 28.32 -12.24
CA ASP A 224 12.28 29.25 -11.28
C ASP A 224 11.84 30.69 -11.59
N LEU A 225 10.95 31.27 -10.80
CA LEU A 225 10.49 32.63 -11.02
C LEU A 225 11.50 33.70 -10.65
N TRP A 226 12.68 33.36 -10.16
CA TRP A 226 13.71 34.32 -9.82
C TRP A 226 14.65 34.61 -10.98
N MET A 227 14.64 33.76 -12.00
CA MET A 227 15.55 34.01 -13.11
C MET A 227 15.20 35.35 -13.78
N LYS A 228 16.24 35.90 -14.41
CA LYS A 228 16.10 37.11 -15.21
C LYS A 228 14.91 36.88 -16.16
N GLU A 229 14.98 35.74 -16.84
CA GLU A 229 14.00 35.22 -17.78
C GLU A 229 13.58 33.83 -17.32
N PRO A 230 12.48 33.73 -16.59
CA PRO A 230 11.99 32.48 -16.06
C PRO A 230 11.68 31.40 -17.08
N THR A 231 12.06 30.18 -16.76
CA THR A 231 11.84 29.02 -17.61
C THR A 231 11.91 27.72 -16.82
N THR A 232 11.79 26.59 -17.52
CA THR A 232 11.85 25.27 -16.89
C THR A 232 13.28 24.98 -16.47
N VAL A 233 13.57 24.84 -15.18
CA VAL A 233 14.93 24.56 -14.75
C VAL A 233 15.14 23.07 -14.52
N ALA A 234 14.02 22.34 -14.47
CA ALA A 234 14.02 20.90 -14.29
C ALA A 234 12.67 20.32 -14.71
N GLU A 235 12.71 19.07 -15.17
CA GLU A 235 11.49 18.38 -15.57
C GLU A 235 11.59 16.89 -15.31
N ILE A 236 10.43 16.22 -15.30
CA ILE A 236 10.37 14.78 -15.12
C ILE A 236 8.98 14.28 -15.53
N LYS A 237 8.86 12.98 -15.75
CA LYS A 237 7.56 12.38 -16.09
C LYS A 237 7.28 11.34 -15.01
N ILE A 238 6.08 11.31 -14.44
CA ILE A 238 5.81 10.45 -13.29
C ILE A 238 4.80 9.36 -13.55
N GLY A 239 4.37 9.20 -14.80
CA GLY A 239 3.41 8.17 -15.15
C GLY A 239 2.91 8.37 -16.59
N SER A 240 1.85 7.66 -16.93
CA SER A 240 1.23 7.75 -18.24
C SER A 240 0.09 8.76 -18.23
N GLU A 241 -0.68 8.73 -17.15
CA GLU A 241 -1.79 9.65 -16.95
C GLU A 241 -1.73 10.24 -15.54
N ALA A 242 -1.85 11.55 -15.38
CA ALA A 242 -1.80 12.18 -14.07
C ALA A 242 -2.56 13.51 -14.07
N ARG A 243 -2.87 14.03 -12.88
CA ARG A 243 -3.57 15.29 -12.80
C ARG A 243 -3.06 16.22 -11.72
N SER A 244 -2.43 15.69 -10.66
CA SER A 244 -2.13 16.57 -9.55
C SER A 244 -0.70 16.63 -9.06
N ILE A 245 -0.41 17.80 -8.50
CA ILE A 245 0.90 18.08 -7.93
C ILE A 245 0.74 19.04 -6.76
N GLU A 246 1.64 19.00 -5.79
CA GLU A 246 1.56 19.91 -4.65
C GLU A 246 2.95 20.04 -4.04
N THR A 247 3.15 21.16 -3.34
CA THR A 247 4.45 21.43 -2.73
C THR A 247 4.38 21.35 -1.21
N SER A 248 5.51 21.07 -0.57
CA SER A 248 5.51 20.92 0.90
C SER A 248 5.15 22.26 1.53
N LYS A 249 4.13 22.28 2.40
CA LYS A 249 3.73 23.55 2.99
C LYS A 249 3.74 23.59 4.51
N MET A 250 4.48 22.69 5.13
CA MET A 250 4.63 22.69 6.58
C MET A 250 5.77 23.67 6.88
N GLU A 251 5.55 24.58 7.81
CA GLU A 251 6.58 25.55 8.15
C GLU A 251 7.86 24.84 8.54
N GLY A 252 8.97 25.21 7.92
CA GLY A 252 10.23 24.53 8.11
C GLY A 252 10.51 23.63 6.92
N TRP A 253 9.49 23.40 6.06
CA TRP A 253 9.74 22.50 4.93
C TRP A 253 9.56 23.24 3.61
N GLU A 254 9.58 24.57 3.69
CA GLU A 254 9.46 25.40 2.50
C GLU A 254 10.43 24.95 1.42
N ASP A 255 9.90 24.65 0.23
CA ASP A 255 10.68 24.25 -0.91
C ASP A 255 11.40 22.92 -0.80
N LYS A 256 11.13 22.09 0.20
CA LYS A 256 11.83 20.83 0.32
C LYS A 256 11.32 19.79 -0.67
N TYR A 257 10.00 19.67 -0.81
CA TYR A 257 9.45 18.61 -1.64
C TYR A 257 8.30 19.05 -2.51
N ALA A 258 8.09 18.24 -3.55
CA ALA A 258 6.96 18.37 -4.46
C ALA A 258 6.40 16.95 -4.59
N ILE A 259 5.11 16.79 -4.78
CA ILE A 259 4.51 15.48 -4.90
C ILE A 259 3.59 15.48 -6.11
N ALA A 260 3.69 14.37 -6.86
CA ALA A 260 2.81 14.25 -8.03
C ALA A 260 2.02 12.97 -7.90
N GLY A 261 0.75 13.02 -8.31
CA GLY A 261 -0.14 11.87 -8.22
C GLY A 261 -0.54 11.49 -9.65
N ALA A 262 -0.58 10.16 -9.89
CA ALA A 262 -0.90 9.70 -11.22
C ALA A 262 -2.23 8.94 -11.23
N TYR A 263 -2.81 8.89 -12.42
CA TYR A 263 -4.02 8.10 -12.66
C TYR A 263 -3.50 6.72 -13.09
N TRP A 264 -2.37 6.71 -13.82
CA TRP A 264 -1.77 5.46 -14.25
C TRP A 264 -0.28 5.67 -14.46
N PRO A 265 0.54 4.82 -13.85
CA PRO A 265 0.05 3.77 -12.96
C PRO A 265 -0.51 4.40 -11.70
N PRO A 266 -1.20 3.60 -10.90
CA PRO A 266 -1.77 4.08 -9.63
C PRO A 266 -0.63 4.22 -8.64
N GLN A 267 -0.17 5.45 -8.47
CA GLN A 267 0.93 5.74 -7.59
C GLN A 267 1.16 7.24 -7.43
N TYR A 268 1.99 7.59 -6.44
CA TYR A 268 2.35 9.00 -6.26
C TYR A 268 3.86 8.97 -6.04
N VAL A 269 4.53 10.06 -6.33
CA VAL A 269 5.97 10.14 -6.18
C VAL A 269 6.29 11.38 -5.34
N ILE A 270 7.24 11.27 -4.43
CA ILE A 270 7.69 12.45 -3.71
C ILE A 270 9.02 12.79 -4.37
N MET A 271 9.18 14.05 -4.78
CA MET A 271 10.37 14.51 -5.47
C MET A 271 11.06 15.64 -4.72
N ASP A 272 12.36 15.77 -4.99
CA ASP A 272 13.15 16.85 -4.41
C ASP A 272 12.53 18.16 -4.90
N GLY A 273 12.32 19.12 -4.00
CA GLY A 273 11.73 20.40 -4.28
C GLY A 273 12.56 21.38 -5.09
N GLU A 274 13.83 21.08 -5.34
CA GLU A 274 14.70 21.97 -6.12
C GLU A 274 15.15 21.38 -7.44
N THR A 275 15.28 20.06 -7.52
CA THR A 275 15.73 19.42 -8.74
C THR A 275 14.73 18.48 -9.37
N LEU A 276 13.65 18.15 -8.68
CA LEU A 276 12.66 17.19 -9.09
C LEU A 276 13.12 15.73 -9.01
N GLU A 277 14.30 15.46 -8.47
CA GLU A 277 14.74 14.08 -8.34
C GLU A 277 13.66 13.25 -7.65
N PRO A 278 13.26 12.16 -8.28
CA PRO A 278 12.25 11.28 -7.71
C PRO A 278 12.83 10.63 -6.46
N LYS A 279 12.20 10.76 -5.31
CA LYS A 279 12.81 10.19 -4.09
C LYS A 279 12.07 8.96 -3.60
N LYS A 280 10.74 8.97 -3.68
CA LYS A 280 9.99 7.82 -3.16
C LYS A 280 8.72 7.61 -3.97
N ILE A 281 8.54 6.39 -4.48
CA ILE A 281 7.34 6.12 -5.27
C ILE A 281 6.43 5.21 -4.45
N GLN A 282 5.14 5.52 -4.33
CA GLN A 282 4.23 4.67 -3.58
C GLN A 282 3.05 4.23 -4.43
N SER A 283 2.79 2.93 -4.48
CA SER A 283 1.64 2.44 -5.23
C SER A 283 0.35 2.76 -4.47
N THR A 284 -0.74 3.00 -5.18
CA THR A 284 -2.01 3.24 -4.52
C THR A 284 -2.96 2.06 -4.77
N ARG A 285 -2.40 0.99 -5.34
CA ARG A 285 -3.21 -0.21 -5.58
C ARG A 285 -3.66 -0.72 -4.21
N GLY A 286 -4.89 -1.21 -4.06
CA GLY A 286 -5.25 -1.63 -2.71
C GLY A 286 -6.73 -1.95 -2.63
N MET A 287 -7.24 -1.91 -1.40
CA MET A 287 -8.60 -2.28 -1.08
C MET A 287 -9.58 -1.13 -0.96
N THR A 288 -10.80 -1.33 -1.47
CA THR A 288 -11.81 -0.30 -1.27
C THR A 288 -12.10 -0.25 0.24
N TYR A 289 -12.38 0.95 0.74
CA TYR A 289 -12.60 1.12 2.16
C TYR A 289 -13.83 0.42 2.69
N ASP A 290 -14.90 0.38 1.92
CA ASP A 290 -16.18 -0.14 2.40
C ASP A 290 -16.40 -1.62 2.14
N GLU A 291 -16.10 -2.10 0.95
CA GLU A 291 -16.33 -3.51 0.67
C GLU A 291 -15.09 -4.34 0.90
N GLN A 292 -13.94 -3.69 1.03
CA GLN A 292 -12.68 -4.34 1.26
C GLN A 292 -12.41 -5.43 0.23
N GLU A 293 -12.35 -5.00 -1.02
CA GLU A 293 -12.04 -5.82 -2.19
C GLU A 293 -10.86 -5.17 -2.91
N TYR A 294 -9.92 -5.97 -3.42
CA TYR A 294 -8.76 -5.43 -4.11
C TYR A 294 -9.23 -4.61 -5.29
N HIS A 295 -8.61 -3.47 -5.52
CA HIS A 295 -8.89 -2.57 -6.63
C HIS A 295 -7.55 -2.31 -7.31
N PRO A 296 -7.44 -2.78 -8.54
CA PRO A 296 -6.22 -2.72 -9.31
C PRO A 296 -5.89 -1.39 -9.93
N GLU A 297 -6.78 -0.40 -9.86
CA GLU A 297 -6.49 0.89 -10.48
C GLU A 297 -6.99 2.12 -9.75
N PRO A 298 -6.63 2.31 -8.50
CA PRO A 298 -7.08 3.44 -7.70
C PRO A 298 -6.31 4.70 -8.07
N ARG A 299 -7.01 5.59 -8.78
CA ARG A 299 -6.42 6.84 -9.23
C ARG A 299 -6.19 7.85 -8.12
N VAL A 300 -5.10 8.62 -8.24
CA VAL A 300 -4.85 9.66 -7.27
C VAL A 300 -5.56 10.93 -7.78
N ALA A 301 -6.44 11.51 -6.97
CA ALA A 301 -7.11 12.74 -7.39
C ALA A 301 -6.36 13.91 -6.76
N ALA A 302 -7.02 14.85 -6.10
CA ALA A 302 -6.35 16.02 -5.55
C ALA A 302 -5.31 15.70 -4.48
N ILE A 303 -4.23 16.48 -4.51
CA ILE A 303 -3.20 16.39 -3.49
C ILE A 303 -3.03 17.78 -2.87
N LEU A 304 -3.11 17.81 -1.55
CA LEU A 304 -2.95 19.05 -0.79
C LEU A 304 -1.81 18.88 0.20
N ALA A 305 -1.44 19.92 0.91
CA ALA A 305 -0.37 19.89 1.88
C ALA A 305 -0.83 20.40 3.24
N SER A 306 -0.50 19.66 4.29
CA SER A 306 -0.89 20.00 5.64
C SER A 306 -0.06 21.17 6.16
N HIS A 307 -0.66 21.98 7.02
CA HIS A 307 0.06 23.09 7.64
C HIS A 307 0.26 22.79 9.13
N TYR A 308 -0.15 21.58 9.54
CA TYR A 308 -0.06 21.18 10.93
C TYR A 308 1.09 20.22 11.22
N ARG A 309 1.38 19.37 10.26
CA ARG A 309 2.43 18.36 10.32
C ARG A 309 3.10 18.35 8.95
N PRO A 310 4.31 17.83 8.88
CA PRO A 310 5.02 17.73 7.61
C PRO A 310 4.46 16.56 6.84
N GLU A 311 3.25 16.74 6.29
CA GLU A 311 2.51 15.72 5.57
C GLU A 311 1.86 16.18 4.28
N PHE A 312 1.72 15.23 3.35
CA PHE A 312 0.98 15.52 2.12
C PHE A 312 -0.40 14.85 2.29
N ILE A 313 -1.43 15.41 1.71
CA ILE A 313 -2.81 14.95 1.81
C ILE A 313 -3.25 14.45 0.43
N VAL A 314 -3.23 13.15 0.22
CA VAL A 314 -3.49 12.50 -1.04
C VAL A 314 -4.82 11.79 -1.13
N ASN A 315 -5.64 12.19 -2.09
CA ASN A 315 -6.93 11.53 -2.30
C ASN A 315 -6.77 10.33 -3.22
N VAL A 316 -7.26 9.18 -2.78
CA VAL A 316 -7.25 7.96 -3.58
C VAL A 316 -8.72 7.65 -3.91
N LYS A 317 -9.07 7.98 -5.13
CA LYS A 317 -10.42 7.95 -5.65
C LYS A 317 -11.20 6.67 -5.54
N GLU A 318 -10.80 5.60 -6.23
CA GLU A 318 -11.62 4.40 -6.31
C GLU A 318 -11.67 3.60 -5.03
N THR A 319 -10.62 3.65 -4.22
CA THR A 319 -10.67 2.94 -2.94
C THR A 319 -11.26 3.81 -1.83
N GLY A 320 -11.39 5.12 -2.09
CA GLY A 320 -11.98 6.00 -1.08
C GLY A 320 -11.10 6.10 0.18
N LYS A 321 -9.81 6.35 -0.06
CA LYS A 321 -8.81 6.50 0.96
C LYS A 321 -8.13 7.87 0.86
N ILE A 322 -8.00 8.50 2.04
CA ILE A 322 -7.27 9.76 2.07
C ILE A 322 -5.97 9.43 2.80
N LEU A 323 -4.85 9.68 2.14
CA LEU A 323 -3.58 9.36 2.78
C LEU A 323 -2.90 10.58 3.37
N LEU A 324 -2.45 10.46 4.61
CA LEU A 324 -1.64 11.54 5.20
C LEU A 324 -0.22 10.97 5.15
N VAL A 325 0.62 11.54 4.31
CA VAL A 325 1.96 11.02 4.12
C VAL A 325 3.02 11.95 4.68
N ASP A 326 3.77 11.43 5.65
CA ASP A 326 4.82 12.14 6.35
C ASP A 326 6.11 12.11 5.51
N TYR A 327 6.62 13.29 5.18
CA TYR A 327 7.82 13.33 4.36
C TYR A 327 9.07 13.66 5.14
N THR A 328 9.07 13.44 6.44
CA THR A 328 10.18 13.65 7.36
C THR A 328 11.30 12.65 7.13
N ASP A 329 10.89 11.45 6.75
CA ASP A 329 11.83 10.35 6.55
C ASP A 329 11.17 9.34 5.59
N LEU A 330 11.55 9.45 4.32
CA LEU A 330 11.03 8.62 3.25
C LEU A 330 11.42 7.15 3.27
N ASP A 331 12.43 6.77 4.03
CA ASP A 331 12.85 5.36 4.12
C ASP A 331 12.09 4.61 5.18
N ASN A 332 11.83 5.25 6.31
CA ASN A 332 11.04 4.71 7.40
C ASN A 332 9.75 5.57 7.33
N LEU A 333 9.04 5.35 6.23
CA LEU A 333 7.87 6.07 5.84
C LEU A 333 6.61 5.83 6.67
N LYS A 334 6.14 6.90 7.29
CA LYS A 334 4.93 6.91 8.09
C LYS A 334 3.77 7.50 7.25
N THR A 335 2.63 6.86 7.29
CA THR A 335 1.44 7.28 6.61
C THR A 335 0.23 6.91 7.46
N THR A 336 -0.84 7.66 7.24
CA THR A 336 -2.14 7.39 7.83
C THR A 336 -3.09 7.11 6.67
N GLU A 337 -3.67 5.92 6.65
CA GLU A 337 -4.56 5.55 5.56
C GLU A 337 -5.99 5.69 6.07
N ILE A 338 -6.65 6.78 5.69
CA ILE A 338 -7.99 7.05 6.20
C ILE A 338 -9.11 6.51 5.31
N SER A 339 -9.92 5.65 5.90
CA SER A 339 -11.10 5.13 5.19
C SER A 339 -12.08 6.28 5.08
N ALA A 340 -12.47 6.65 3.85
CA ALA A 340 -13.34 7.81 3.70
C ALA A 340 -14.59 7.47 2.92
N GLU A 341 -14.66 7.93 1.68
CA GLU A 341 -15.79 7.64 0.81
C GLU A 341 -15.23 7.52 -0.59
N ARG A 342 -15.76 6.62 -1.39
CA ARG A 342 -15.25 6.42 -2.74
C ARG A 342 -15.56 7.60 -3.63
N PHE A 343 -14.76 7.74 -4.69
CA PHE A 343 -14.93 8.75 -5.71
C PHE A 343 -14.44 10.11 -5.26
N LEU A 344 -13.48 10.08 -4.33
CA LEU A 344 -12.83 11.30 -3.88
C LEU A 344 -12.31 12.02 -5.11
N HIS A 345 -12.36 13.35 -5.11
CA HIS A 345 -11.81 14.08 -6.25
C HIS A 345 -11.06 15.31 -5.75
N ASP A 346 -11.73 16.46 -5.70
CA ASP A 346 -11.09 17.68 -5.25
C ASP A 346 -11.54 18.13 -3.86
N GLY A 347 -10.81 19.08 -3.29
CA GLY A 347 -11.18 19.60 -1.97
C GLY A 347 -10.23 20.70 -1.51
N GLY A 348 -10.45 21.18 -0.28
CA GLY A 348 -9.62 22.23 0.27
C GLY A 348 -9.62 22.25 1.79
N LEU A 349 -8.68 23.01 2.33
CA LEU A 349 -8.56 23.24 3.76
C LEU A 349 -9.55 24.34 4.16
N ASP A 350 -10.04 24.29 5.38
CA ASP A 350 -10.96 25.31 5.88
C ASP A 350 -10.15 26.57 6.18
N GLY A 351 -10.80 27.66 6.60
CA GLY A 351 -10.09 28.91 6.86
C GLY A 351 -8.97 28.83 7.87
N SER A 352 -8.98 27.94 8.86
CA SER A 352 -7.89 27.85 9.82
C SER A 352 -6.80 26.92 9.35
N HIS A 353 -6.96 26.29 8.18
CA HIS A 353 -6.01 25.37 7.61
C HIS A 353 -5.79 24.10 8.40
N ARG A 354 -6.73 23.71 9.25
CA ARG A 354 -6.58 22.51 10.06
C ARG A 354 -7.27 21.33 9.42
N TYR A 355 -8.43 21.57 8.81
CA TYR A 355 -9.27 20.50 8.30
C TYR A 355 -9.38 20.44 6.78
N PHE A 356 -9.33 19.21 6.29
CA PHE A 356 -9.42 18.97 4.85
C PHE A 356 -10.86 18.59 4.50
N ILE A 357 -11.42 19.36 3.57
CA ILE A 357 -12.81 19.15 3.14
C ILE A 357 -12.83 18.74 1.68
N THR A 358 -13.32 17.55 1.40
CA THR A 358 -13.25 17.05 0.02
C THR A 358 -14.49 16.30 -0.44
N ALA A 359 -14.78 16.47 -1.73
CA ALA A 359 -15.96 15.83 -2.30
C ALA A 359 -15.73 14.38 -2.70
N ALA A 360 -16.64 13.51 -2.32
CA ALA A 360 -16.67 12.15 -2.87
C ALA A 360 -17.81 12.35 -3.89
N ASN A 361 -17.45 12.94 -5.02
CA ASN A 361 -18.43 13.47 -5.95
C ASN A 361 -19.55 12.59 -6.45
N ALA A 362 -19.35 11.34 -6.83
CA ALA A 362 -20.49 10.56 -7.32
C ALA A 362 -21.41 10.11 -6.20
N ARG A 363 -20.97 10.17 -4.96
CA ARG A 363 -21.80 9.78 -3.83
C ARG A 363 -22.35 10.98 -3.11
N ASN A 364 -22.18 12.19 -3.64
CA ASN A 364 -22.72 13.44 -3.12
C ASN A 364 -22.30 13.76 -1.70
N LYS A 365 -21.09 13.37 -1.30
CA LYS A 365 -20.62 13.59 0.04
C LYS A 365 -19.43 14.55 0.14
N LEU A 366 -19.32 15.09 1.36
CA LEU A 366 -18.16 15.90 1.72
C LEU A 366 -17.51 15.11 2.85
N VAL A 367 -16.22 14.87 2.72
CA VAL A 367 -15.47 14.12 3.72
C VAL A 367 -14.58 15.10 4.46
N VAL A 368 -14.60 15.05 5.79
CA VAL A 368 -13.79 15.99 6.56
C VAL A 368 -12.72 15.27 7.37
N ILE A 369 -11.49 15.68 7.18
CA ILE A 369 -10.33 15.11 7.85
C ILE A 369 -9.66 16.17 8.72
N ASP A 370 -9.34 15.77 9.96
CA ASP A 370 -8.58 16.67 10.83
C ASP A 370 -7.12 16.37 10.54
N THR A 371 -6.34 17.33 10.07
CA THR A 371 -4.93 17.07 9.79
C THR A 371 -4.07 17.13 11.04
N LYS A 372 -4.56 17.73 12.12
CA LYS A 372 -3.81 17.77 13.38
C LYS A 372 -3.78 16.38 14.03
N GLU A 373 -4.92 15.75 14.18
CA GLU A 373 -5.04 14.42 14.76
C GLU A 373 -4.91 13.30 13.75
N GLY A 374 -4.96 13.61 12.45
CA GLY A 374 -4.82 12.64 11.39
C GLY A 374 -5.97 11.65 11.36
N LYS A 375 -7.20 12.10 11.57
CA LYS A 375 -8.35 11.22 11.61
C LYS A 375 -9.56 11.78 10.84
N LEU A 376 -10.42 10.88 10.40
CA LEU A 376 -11.67 11.28 9.75
C LEU A 376 -12.52 11.94 10.85
N VAL A 377 -13.17 13.04 10.54
CA VAL A 377 -14.04 13.69 11.52
C VAL A 377 -15.47 13.71 11.06
N ALA A 378 -15.71 13.72 9.75
CA ALA A 378 -17.07 13.75 9.26
C ALA A 378 -17.22 13.32 7.81
N ILE A 379 -18.44 12.86 7.54
CA ILE A 379 -18.87 12.53 6.19
C ILE A 379 -20.32 13.00 6.08
N GLU A 380 -20.57 13.95 5.19
CA GLU A 380 -21.94 14.47 5.06
C GLU A 380 -22.40 14.59 3.62
N ASP A 381 -23.66 14.29 3.41
CA ASP A 381 -24.29 14.45 2.09
C ASP A 381 -24.60 15.92 1.88
N THR A 382 -24.20 16.52 0.78
CA THR A 382 -24.46 17.94 0.54
C THR A 382 -25.89 18.24 0.09
N GLY A 383 -26.71 17.25 -0.19
CA GLY A 383 -28.07 17.45 -0.68
C GLY A 383 -28.12 17.83 -2.16
N GLY A 384 -27.01 17.86 -2.87
CA GLY A 384 -26.94 18.20 -4.28
C GLY A 384 -26.36 17.01 -5.06
N GLN A 385 -26.29 17.15 -6.37
CA GLN A 385 -25.73 16.10 -7.22
C GLN A 385 -24.32 16.44 -7.70
N THR A 386 -23.38 15.63 -7.27
CA THR A 386 -21.97 15.75 -7.63
C THR A 386 -21.31 17.04 -7.17
N PRO A 387 -21.01 17.17 -5.88
CA PRO A 387 -20.26 18.32 -5.41
C PRO A 387 -18.90 18.41 -6.07
N HIS A 388 -18.54 19.59 -6.58
CA HIS A 388 -17.26 19.81 -7.25
C HIS A 388 -16.71 21.15 -6.76
N PRO A 389 -16.03 21.11 -5.62
CA PRO A 389 -15.48 22.28 -4.99
C PRO A 389 -14.15 22.80 -5.50
N GLY A 390 -13.33 22.04 -6.22
CA GLY A 390 -11.98 22.62 -6.46
C GLY A 390 -11.47 22.77 -5.01
N ARG A 391 -10.86 23.88 -4.65
CA ARG A 391 -10.41 24.04 -3.27
C ARG A 391 -11.51 24.66 -2.42
N GLY A 392 -12.64 24.98 -3.01
CA GLY A 392 -13.80 25.52 -2.32
C GLY A 392 -13.63 26.99 -1.93
N ALA A 393 -14.56 27.43 -1.07
CA ALA A 393 -14.56 28.81 -0.60
C ALA A 393 -14.82 28.89 0.91
N ASN A 394 -13.90 29.55 1.60
CA ASN A 394 -14.07 29.71 3.04
C ASN A 394 -14.52 31.13 3.39
N PHE A 395 -15.53 31.25 4.23
CA PHE A 395 -15.99 32.58 4.64
C PHE A 395 -16.71 32.54 5.98
N VAL A 396 -16.84 33.72 6.58
CA VAL A 396 -17.56 33.76 7.85
C VAL A 396 -19.00 34.14 7.54
N HIS A 397 -19.88 33.16 7.74
CA HIS A 397 -21.30 33.39 7.57
C HIS A 397 -21.80 34.25 8.74
N PRO A 398 -22.72 35.17 8.47
CA PRO A 398 -23.26 36.08 9.46
C PRO A 398 -23.92 35.49 10.68
N THR A 399 -24.60 34.36 10.59
CA THR A 399 -25.21 33.71 11.72
C THR A 399 -24.63 32.32 12.02
N PHE A 400 -24.15 31.60 11.01
CA PHE A 400 -23.65 30.26 11.23
C PHE A 400 -22.19 30.17 11.67
N GLY A 401 -21.39 31.19 11.46
CA GLY A 401 -19.97 31.17 11.79
C GLY A 401 -19.16 30.78 10.55
N PRO A 402 -17.92 30.40 10.77
CA PRO A 402 -17.03 29.95 9.71
C PRO A 402 -17.63 28.76 8.98
N VAL A 403 -17.72 28.85 7.65
CA VAL A 403 -18.26 27.82 6.79
C VAL A 403 -17.40 27.70 5.52
N TRP A 404 -17.57 26.56 4.88
CA TRP A 404 -16.87 26.30 3.62
C TRP A 404 -18.00 25.92 2.65
N ALA A 405 -17.84 26.37 1.42
CA ALA A 405 -18.89 26.14 0.44
C ALA A 405 -18.38 25.41 -0.80
N THR A 406 -19.35 24.82 -1.49
CA THR A 406 -19.06 24.16 -2.75
C THR A 406 -20.27 24.30 -3.67
N SER A 407 -20.02 24.31 -4.98
CA SER A 407 -21.15 24.34 -5.92
C SER A 407 -21.24 22.92 -6.49
N HIS A 408 -22.11 22.70 -7.48
CA HIS A 408 -22.38 21.37 -7.99
C HIS A 408 -22.47 21.28 -9.51
N MET A 409 -21.90 20.18 -10.03
CA MET A 409 -21.95 19.89 -11.45
C MET A 409 -23.34 19.38 -11.83
N GLY A 410 -23.92 18.53 -10.98
CA GLY A 410 -25.20 17.93 -11.24
C GLY A 410 -26.44 18.75 -10.99
N ASP A 411 -26.35 19.92 -10.39
CA ASP A 411 -27.53 20.75 -10.16
C ASP A 411 -27.09 22.16 -9.83
N ASP A 412 -28.01 23.05 -9.52
CA ASP A 412 -27.63 24.44 -9.28
C ASP A 412 -27.38 24.81 -7.82
N SER A 413 -27.41 23.83 -6.93
CA SER A 413 -27.25 24.11 -5.52
C SER A 413 -25.82 24.47 -5.14
N VAL A 414 -25.73 25.29 -4.12
CA VAL A 414 -24.50 25.71 -3.45
C VAL A 414 -24.69 25.28 -1.98
N ALA A 415 -23.76 24.49 -1.43
CA ALA A 415 -23.96 24.07 -0.04
C ALA A 415 -22.91 24.66 0.90
N LEU A 416 -23.33 24.90 2.15
CA LEU A 416 -22.37 25.43 3.12
C LEU A 416 -22.16 24.45 4.27
N ILE A 417 -20.92 24.24 4.68
CA ILE A 417 -20.70 23.32 5.81
C ILE A 417 -20.00 24.11 6.90
N GLY A 418 -20.44 23.95 8.16
CA GLY A 418 -19.83 24.69 9.26
C GLY A 418 -18.43 24.12 9.48
N THR A 419 -17.45 25.01 9.63
CA THR A 419 -16.09 24.53 9.83
C THR A 419 -15.49 24.96 11.17
N ASP A 420 -16.27 25.14 12.22
CA ASP A 420 -15.73 25.62 13.48
C ASP A 420 -16.22 24.83 14.68
N PRO A 421 -15.56 23.72 14.97
CA PRO A 421 -15.89 22.90 16.12
C PRO A 421 -15.73 23.66 17.44
N GLU A 422 -14.71 24.51 17.55
CA GLU A 422 -14.49 25.26 18.79
C GLU A 422 -15.62 26.27 19.04
N GLY A 423 -15.76 27.27 18.19
CA GLY A 423 -16.76 28.30 18.36
C GLY A 423 -18.18 28.03 17.97
N HIS A 424 -18.49 27.05 17.13
CA HIS A 424 -19.84 26.73 16.69
C HIS A 424 -20.01 25.22 16.64
N PRO A 425 -19.98 24.58 17.80
CA PRO A 425 -20.04 23.14 17.92
C PRO A 425 -21.22 22.52 17.22
N ASP A 426 -22.41 23.07 17.39
CA ASP A 426 -23.61 22.50 16.77
C ASP A 426 -23.61 22.59 15.25
N ASN A 427 -22.96 23.59 14.66
CA ASN A 427 -22.94 23.70 13.21
C ASN A 427 -21.79 22.95 12.55
N ALA A 428 -20.78 22.57 13.33
CA ALA A 428 -19.59 21.95 12.79
C ALA A 428 -19.85 20.67 12.00
N TRP A 429 -19.32 20.66 10.78
CA TRP A 429 -19.35 19.54 9.86
C TRP A 429 -20.76 19.12 9.49
N LYS A 430 -21.69 20.06 9.54
CA LYS A 430 -23.07 19.86 9.16
C LYS A 430 -23.42 20.79 8.00
N ILE A 431 -24.28 20.32 7.11
CA ILE A 431 -24.72 21.13 5.98
C ILE A 431 -25.72 22.13 6.55
N LEU A 432 -25.36 23.41 6.57
CA LEU A 432 -26.14 24.44 7.21
C LEU A 432 -27.13 25.17 6.31
N ASP A 433 -26.83 25.13 5.01
CA ASP A 433 -27.71 25.80 4.06
C ASP A 433 -27.41 25.27 2.67
N SER A 434 -28.39 25.28 1.80
CA SER A 434 -28.23 24.85 0.41
C SER A 434 -29.13 25.76 -0.42
N PHE A 435 -28.56 26.46 -1.40
CA PHE A 435 -29.33 27.39 -2.19
C PHE A 435 -28.85 27.45 -3.63
N PRO A 436 -29.75 27.82 -4.55
CA PRO A 436 -29.47 27.86 -5.96
C PRO A 436 -28.69 29.03 -6.51
N ALA A 437 -27.84 28.73 -7.50
CA ALA A 437 -27.09 29.78 -8.20
C ALA A 437 -27.59 29.79 -9.64
N LEU A 438 -26.78 30.01 -10.65
CA LEU A 438 -27.29 30.07 -12.01
C LEU A 438 -27.99 28.82 -12.55
N GLY A 439 -27.41 27.65 -12.41
CA GLY A 439 -27.98 26.41 -12.94
C GLY A 439 -26.90 25.33 -12.86
N GLY A 440 -27.22 24.11 -13.24
CA GLY A 440 -26.29 23.00 -13.19
C GLY A 440 -25.05 23.27 -14.02
N GLY A 441 -24.06 22.37 -13.89
CA GLY A 441 -22.85 22.50 -14.70
C GLY A 441 -21.81 23.37 -14.04
N SER A 442 -22.02 23.65 -12.76
CA SER A 442 -21.07 24.47 -12.01
C SER A 442 -19.81 23.67 -11.71
N LEU A 443 -18.67 24.34 -11.74
CA LEU A 443 -17.39 23.72 -11.45
C LEU A 443 -16.66 24.41 -10.31
N PHE A 444 -16.66 25.75 -10.29
CA PHE A 444 -15.88 26.51 -9.34
C PHE A 444 -16.62 27.60 -8.56
N ILE A 445 -16.33 27.64 -7.26
CA ILE A 445 -16.87 28.63 -6.35
C ILE A 445 -15.70 29.37 -5.71
N LYS A 446 -15.83 30.69 -5.53
CA LYS A 446 -14.69 31.44 -5.03
C LYS A 446 -15.05 32.66 -4.20
N THR A 447 -14.13 32.99 -3.31
CA THR A 447 -14.19 34.11 -2.41
C THR A 447 -12.77 34.38 -1.90
N HIS A 448 -12.64 35.39 -1.05
CA HIS A 448 -11.35 35.80 -0.53
C HIS A 448 -11.60 36.56 0.77
N PRO A 449 -10.70 36.46 1.74
CA PRO A 449 -10.87 37.15 3.02
C PRO A 449 -11.15 38.63 2.86
N ASN A 450 -10.58 39.33 1.87
CA ASN A 450 -10.85 40.75 1.68
C ASN A 450 -12.09 41.05 0.85
N SER A 451 -13.01 40.11 0.62
CA SER A 451 -14.19 40.35 -0.19
C SER A 451 -15.44 39.87 0.53
N GLN A 452 -16.61 40.41 0.20
CA GLN A 452 -17.85 40.01 0.84
C GLN A 452 -18.73 39.19 -0.09
N TYR A 453 -18.21 38.91 -1.28
CA TYR A 453 -18.96 38.18 -2.29
C TYR A 453 -18.48 36.76 -2.56
N LEU A 454 -19.42 35.91 -2.87
CA LEU A 454 -19.24 34.52 -3.26
C LEU A 454 -19.57 34.37 -4.74
N TYR A 455 -18.58 34.07 -5.57
CA TYR A 455 -18.75 33.87 -7.01
C TYR A 455 -18.89 32.41 -7.40
N VAL A 456 -19.96 32.05 -8.12
CA VAL A 456 -20.22 30.69 -8.54
C VAL A 456 -20.33 30.58 -10.05
N ASP A 457 -19.44 29.88 -10.72
CA ASP A 457 -19.56 29.75 -12.18
C ASP A 457 -20.58 28.67 -12.55
N ALA A 458 -20.69 28.40 -13.84
CA ALA A 458 -21.65 27.42 -14.34
C ALA A 458 -21.22 26.91 -15.71
N THR A 459 -19.93 26.68 -15.85
CA THR A 459 -19.25 26.29 -17.05
C THR A 459 -19.90 25.28 -17.97
N LEU A 460 -20.47 24.20 -17.47
CA LEU A 460 -20.99 23.14 -18.32
C LEU A 460 -22.48 23.25 -18.55
N ASN A 461 -23.12 24.34 -18.14
CA ASN A 461 -24.56 24.43 -18.42
C ASN A 461 -24.76 24.40 -19.93
N PRO A 462 -25.83 23.80 -20.41
CA PRO A 462 -26.14 23.75 -21.83
C PRO A 462 -26.65 25.07 -22.39
N GLU A 463 -27.12 25.97 -21.55
CA GLU A 463 -27.58 27.29 -21.99
C GLU A 463 -26.39 28.24 -22.00
N ALA A 464 -26.09 28.82 -23.15
CA ALA A 464 -24.98 29.73 -23.34
C ALA A 464 -25.06 30.98 -22.47
N GLU A 465 -26.26 31.41 -22.12
CA GLU A 465 -26.43 32.58 -21.28
C GLU A 465 -25.90 32.35 -19.87
N ILE A 466 -26.20 31.17 -19.35
CA ILE A 466 -25.78 30.74 -18.02
C ILE A 466 -24.29 30.40 -18.02
N SER A 467 -23.86 29.60 -18.99
CA SER A 467 -22.47 29.18 -19.07
C SER A 467 -21.50 30.31 -19.40
N GLY A 468 -22.00 31.46 -19.82
CA GLY A 468 -21.18 32.62 -20.12
C GLY A 468 -21.24 33.61 -18.94
N SER A 469 -22.01 33.25 -17.92
CA SER A 469 -22.19 34.08 -16.75
C SER A 469 -21.73 33.47 -15.43
N VAL A 470 -21.64 34.37 -14.43
CA VAL A 470 -21.25 34.05 -13.07
C VAL A 470 -22.26 34.58 -12.08
N ALA A 471 -22.58 33.80 -11.05
CA ALA A 471 -23.51 34.27 -10.02
C ALA A 471 -22.71 34.86 -8.87
N VAL A 472 -23.14 36.00 -8.31
CA VAL A 472 -22.45 36.59 -7.19
C VAL A 472 -23.37 36.75 -5.98
N PHE A 473 -22.95 36.26 -4.82
CA PHE A 473 -23.76 36.40 -3.61
C PHE A 473 -23.12 37.39 -2.63
N ASP A 474 -23.96 38.14 -1.92
CA ASP A 474 -23.43 39.06 -0.90
C ASP A 474 -23.36 38.28 0.42
N ILE A 475 -22.16 37.87 0.84
CA ILE A 475 -22.05 37.09 2.07
C ILE A 475 -22.66 37.82 3.25
N LYS A 476 -22.34 39.10 3.41
CA LYS A 476 -22.87 39.98 4.44
C LYS A 476 -24.39 40.06 4.48
N ALA A 477 -25.10 39.77 3.39
CA ALA A 477 -26.54 39.78 3.37
C ALA A 477 -27.14 38.42 3.69
N MET A 478 -26.36 37.38 3.95
CA MET A 478 -26.95 36.07 4.24
C MET A 478 -27.56 35.98 5.62
N THR A 479 -28.55 35.11 5.85
CA THR A 479 -29.21 35.03 7.15
C THR A 479 -29.42 33.65 7.74
N GLY A 480 -29.24 32.53 7.05
CA GLY A 480 -29.47 31.22 7.68
C GLY A 480 -30.83 31.06 8.33
N ASP A 481 -31.84 31.51 7.59
CA ASP A 481 -33.22 31.45 8.01
C ASP A 481 -34.02 30.60 7.04
N GLY A 482 -33.34 29.93 6.11
CA GLY A 482 -34.02 29.07 5.15
C GLY A 482 -34.23 29.70 3.79
N SER A 483 -34.40 31.02 3.74
CA SER A 483 -34.63 31.71 2.48
C SER A 483 -33.39 31.72 1.59
N ASP A 484 -33.59 31.42 0.31
CA ASP A 484 -32.50 31.40 -0.65
C ASP A 484 -31.92 32.79 -0.89
N PRO A 485 -30.63 32.97 -0.64
CA PRO A 485 -29.97 34.23 -0.86
C PRO A 485 -30.11 34.64 -2.33
N GLU A 486 -30.05 35.94 -2.59
CA GLU A 486 -30.15 36.39 -3.97
C GLU A 486 -28.73 36.58 -4.52
N PHE A 487 -28.66 36.52 -5.84
CA PHE A 487 -27.37 36.68 -6.50
C PHE A 487 -27.49 37.66 -7.65
N LYS A 488 -26.39 38.28 -7.98
CA LYS A 488 -26.30 39.16 -9.14
C LYS A 488 -25.70 38.34 -10.28
N THR A 489 -26.19 38.47 -11.51
CA THR A 489 -25.61 37.72 -12.61
C THR A 489 -24.59 38.58 -13.35
N LEU A 490 -23.33 38.17 -13.42
CA LEU A 490 -22.34 38.93 -14.17
C LEU A 490 -22.17 38.26 -15.53
N PRO A 491 -22.35 39.03 -16.60
CA PRO A 491 -22.24 38.54 -17.97
C PRO A 491 -20.81 38.67 -18.48
N ILE A 492 -19.95 37.80 -17.97
CA ILE A 492 -18.55 37.70 -18.28
C ILE A 492 -18.22 37.48 -19.75
N ALA A 493 -18.89 36.52 -20.40
CA ALA A 493 -18.57 36.30 -21.82
C ALA A 493 -18.94 37.56 -22.58
N GLU A 494 -20.16 38.03 -22.35
CA GLU A 494 -20.64 39.29 -22.93
C GLU A 494 -19.65 40.42 -22.67
N TRP A 495 -19.22 40.62 -21.42
CA TRP A 495 -18.22 41.63 -21.14
C TRP A 495 -16.97 41.47 -21.99
N ALA A 496 -16.52 40.26 -22.25
CA ALA A 496 -15.34 40.02 -23.07
C ALA A 496 -15.59 40.33 -24.54
N GLY A 497 -16.83 40.34 -24.99
CA GLY A 497 -17.19 40.63 -26.37
C GLY A 497 -17.09 39.37 -27.24
N ILE A 498 -17.11 38.22 -26.57
CA ILE A 498 -17.01 36.94 -27.23
C ILE A 498 -18.39 36.32 -27.35
N THR A 499 -18.73 35.97 -28.58
CA THR A 499 -20.02 35.40 -28.91
C THR A 499 -19.88 34.17 -29.81
N GLU A 500 -18.93 34.19 -30.73
CA GLU A 500 -18.67 33.09 -31.63
C GLU A 500 -18.24 31.82 -30.90
N GLY A 501 -18.57 30.67 -31.46
CA GLY A 501 -18.22 29.38 -30.91
C GLY A 501 -18.91 29.10 -29.58
N GLN A 502 -18.22 28.44 -28.66
CA GLN A 502 -18.83 28.19 -27.36
C GLN A 502 -17.98 28.69 -26.19
N PRO A 503 -18.19 29.96 -25.84
CA PRO A 503 -17.46 30.58 -24.75
C PRO A 503 -17.98 30.07 -23.42
N ARG A 504 -17.12 29.38 -22.69
CA ARG A 504 -17.54 28.85 -21.39
C ARG A 504 -16.72 29.57 -20.33
N VAL A 505 -17.40 30.20 -19.40
CA VAL A 505 -16.72 30.94 -18.33
C VAL A 505 -16.39 29.99 -17.18
N VAL A 506 -15.15 30.04 -16.70
CA VAL A 506 -14.76 29.10 -15.66
C VAL A 506 -13.76 29.62 -14.64
N GLN A 507 -13.93 29.17 -13.39
CA GLN A 507 -13.06 29.42 -12.27
C GLN A 507 -12.62 30.85 -11.96
N GLY A 508 -13.10 31.38 -10.84
CA GLY A 508 -12.64 32.71 -10.42
C GLY A 508 -11.33 32.55 -9.67
N GLU A 509 -10.46 33.55 -9.69
CA GLU A 509 -9.18 33.50 -8.98
C GLU A 509 -8.83 34.93 -8.60
N PHE A 510 -8.57 35.17 -7.31
CA PHE A 510 -8.27 36.53 -6.88
C PHE A 510 -6.79 36.88 -7.01
N ASN A 511 -6.54 38.19 -6.98
CA ASN A 511 -5.17 38.70 -6.99
C ASN A 511 -4.65 38.70 -5.55
N LYS A 512 -3.38 39.05 -5.37
CA LYS A 512 -2.76 39.07 -4.05
C LYS A 512 -3.58 39.84 -3.02
N ASP A 513 -4.06 41.03 -3.31
CA ASP A 513 -4.82 41.85 -2.39
C ASP A 513 -6.29 41.52 -2.26
N GLY A 514 -6.82 40.61 -3.07
CA GLY A 514 -8.22 40.24 -2.98
C GLY A 514 -9.14 41.42 -3.33
N THR A 515 -8.72 42.22 -4.29
CA THR A 515 -9.51 43.33 -4.77
C THR A 515 -10.13 43.00 -6.12
N GLU A 516 -9.49 42.10 -6.87
CA GLU A 516 -9.99 41.75 -8.20
C GLU A 516 -10.05 40.24 -8.39
N VAL A 517 -11.12 39.80 -9.06
CA VAL A 517 -11.29 38.38 -9.36
C VAL A 517 -11.31 38.15 -10.86
N TRP A 518 -10.48 37.21 -11.30
CA TRP A 518 -10.33 36.85 -12.70
C TRP A 518 -11.17 35.63 -13.02
N PHE A 519 -11.73 35.61 -14.24
CA PHE A 519 -12.52 34.50 -14.74
C PHE A 519 -11.99 34.19 -16.15
N SER A 520 -11.99 32.92 -16.50
CA SER A 520 -11.54 32.52 -17.82
C SER A 520 -12.72 32.43 -18.77
N VAL A 521 -12.59 33.07 -19.93
CA VAL A 521 -13.63 32.93 -20.96
C VAL A 521 -13.07 31.87 -21.91
N TRP A 522 -13.37 30.62 -21.61
CA TRP A 522 -12.83 29.50 -22.39
C TRP A 522 -13.54 29.26 -23.71
N ASN A 523 -12.79 29.45 -24.79
CA ASN A 523 -13.32 29.19 -26.13
C ASN A 523 -12.38 28.20 -26.84
N GLY A 524 -12.82 27.69 -27.98
CA GLY A 524 -12.01 26.75 -28.74
C GLY A 524 -10.70 27.35 -29.21
N LYS A 525 -9.74 26.49 -29.57
CA LYS A 525 -8.42 26.91 -30.01
C LYS A 525 -8.50 27.82 -31.22
N ASP A 526 -9.44 27.57 -32.12
CA ASP A 526 -9.68 28.37 -33.30
C ASP A 526 -10.73 29.45 -33.09
N GLN A 527 -11.10 29.74 -31.85
CA GLN A 527 -12.07 30.78 -31.53
C GLN A 527 -11.39 31.85 -30.70
N GLU A 528 -12.13 32.89 -30.29
CA GLU A 528 -11.49 33.92 -29.48
C GLU A 528 -11.79 33.69 -28.00
N SER A 529 -10.72 33.71 -27.20
CA SER A 529 -10.90 33.54 -25.76
C SER A 529 -10.46 34.81 -25.05
N ALA A 530 -10.58 34.83 -23.74
CA ALA A 530 -10.16 35.99 -22.97
C ALA A 530 -10.22 35.74 -21.47
N LEU A 531 -9.55 36.61 -20.74
CA LEU A 531 -9.65 36.60 -19.28
C LEU A 531 -10.43 37.87 -18.94
N VAL A 532 -11.40 37.76 -18.05
CA VAL A 532 -12.15 38.93 -17.63
C VAL A 532 -11.77 39.23 -16.18
N VAL A 533 -11.36 40.48 -15.94
CA VAL A 533 -11.01 40.90 -14.59
C VAL A 533 -12.17 41.70 -13.99
N VAL A 534 -12.73 41.20 -12.90
CA VAL A 534 -13.84 41.85 -12.23
C VAL A 534 -13.40 42.62 -10.97
N ASP A 535 -13.94 43.83 -10.85
CA ASP A 535 -13.62 44.67 -9.69
C ASP A 535 -14.46 44.18 -8.52
N ASP A 536 -13.81 43.64 -7.49
CA ASP A 536 -14.59 43.06 -6.39
C ASP A 536 -15.49 44.04 -5.67
N LYS A 537 -14.99 45.24 -5.38
CA LYS A 537 -15.76 46.23 -4.65
C LYS A 537 -17.04 46.67 -5.34
N THR A 538 -17.00 46.83 -6.66
CA THR A 538 -18.18 47.28 -7.38
C THR A 538 -18.87 46.19 -8.17
N LEU A 539 -18.19 45.05 -8.41
CA LEU A 539 -18.76 43.99 -9.22
C LEU A 539 -18.93 44.47 -10.66
N GLU A 540 -17.98 45.30 -11.09
CA GLU A 540 -17.98 45.86 -12.43
C GLU A 540 -16.73 45.42 -13.19
N LEU A 541 -16.88 45.40 -14.51
CA LEU A 541 -15.79 45.06 -15.38
C LEU A 541 -14.57 45.92 -15.09
N LYS A 542 -13.42 45.32 -14.85
CA LYS A 542 -12.21 46.11 -14.63
C LYS A 542 -11.32 46.01 -15.87
N HIS A 543 -11.22 44.80 -16.44
CA HIS A 543 -10.35 44.65 -17.61
C HIS A 543 -10.60 43.35 -18.33
N VAL A 544 -10.36 43.37 -19.64
CA VAL A 544 -10.55 42.20 -20.50
C VAL A 544 -9.20 41.84 -21.11
N ILE A 545 -8.72 40.62 -20.86
CA ILE A 545 -7.42 40.25 -21.42
C ILE A 545 -7.61 39.42 -22.68
N LYS A 546 -6.98 39.88 -23.75
CA LYS A 546 -7.04 39.26 -25.06
C LYS A 546 -5.66 39.28 -25.69
N ASP A 547 -5.35 38.22 -26.42
CA ASP A 547 -4.02 38.10 -27.05
C ASP A 547 -4.11 36.86 -27.92
N GLU A 548 -3.38 36.87 -29.01
CA GLU A 548 -3.33 35.79 -29.98
C GLU A 548 -2.79 34.52 -29.33
N ARG A 549 -1.90 34.64 -28.36
CA ARG A 549 -1.29 33.57 -27.63
C ARG A 549 -2.18 33.04 -26.51
N LEU A 550 -3.22 33.77 -26.13
CA LEU A 550 -4.12 33.33 -25.08
C LEU A 550 -5.11 32.30 -25.61
N VAL A 551 -4.62 31.08 -25.80
CA VAL A 551 -5.42 30.00 -26.36
C VAL A 551 -6.05 29.13 -25.29
N THR A 552 -7.32 28.82 -25.41
CA THR A 552 -8.07 27.99 -24.47
C THR A 552 -7.59 28.14 -23.04
N PRO A 553 -7.74 29.32 -22.45
CA PRO A 553 -7.31 29.60 -21.10
C PRO A 553 -8.27 28.95 -20.12
N THR A 554 -7.75 28.16 -19.18
CA THR A 554 -8.70 27.53 -18.24
C THR A 554 -8.34 27.92 -16.82
N GLY A 555 -7.69 27.02 -16.08
CA GLY A 555 -7.30 27.27 -14.70
C GLY A 555 -6.31 28.42 -14.60
N LYS A 556 -6.52 29.26 -13.60
CA LYS A 556 -5.71 30.42 -13.29
C LYS A 556 -5.32 30.36 -11.80
N PHE A 557 -4.02 30.49 -11.53
CA PHE A 557 -3.49 30.39 -10.18
C PHE A 557 -2.65 31.59 -9.79
N ASN A 558 -3.12 32.38 -8.82
CA ASN A 558 -2.37 33.54 -8.35
C ASN A 558 -1.24 32.99 -7.47
N VAL A 559 -0.02 33.47 -7.71
CA VAL A 559 1.12 32.97 -6.95
C VAL A 559 0.90 33.02 -5.46
N TYR A 560 0.60 34.20 -4.91
CA TYR A 560 0.43 34.33 -3.47
C TYR A 560 -0.73 33.51 -2.90
N ASN A 561 -1.88 33.52 -3.54
CA ASN A 561 -3.05 32.80 -3.05
C ASN A 561 -2.85 31.28 -3.12
N THR A 562 -2.08 30.81 -4.09
CA THR A 562 -1.81 29.40 -4.25
C THR A 562 -0.75 28.97 -3.23
N MET A 563 0.28 29.78 -3.07
CA MET A 563 1.35 29.44 -2.13
C MET A 563 0.90 29.46 -0.67
N THR A 564 -0.08 30.28 -0.31
CA THR A 564 -0.52 30.33 1.08
C THR A 564 -1.83 29.61 1.30
N ASP A 565 -2.40 29.03 0.25
CA ASP A 565 -3.70 28.36 0.33
C ASP A 565 -4.77 29.33 0.84
N THR A 566 -4.86 30.49 0.19
CA THR A 566 -5.86 31.50 0.53
C THR A 566 -7.12 31.35 -0.30
N TYR A 567 -8.20 30.84 0.30
CA TYR A 567 -9.45 30.63 -0.42
C TYR A 567 -10.55 30.35 0.60
N LEU B 49 -12.75 -29.81 -20.46
CA LEU B 49 -13.85 -29.49 -19.50
C LEU B 49 -14.74 -28.39 -20.09
N SER B 50 -16.04 -28.44 -19.80
CA SER B 50 -16.92 -27.35 -20.27
C SER B 50 -16.56 -26.12 -19.46
N ASP B 51 -17.13 -24.96 -19.75
CA ASP B 51 -16.83 -23.75 -19.00
C ASP B 51 -17.15 -23.91 -17.51
N ALA B 52 -18.27 -24.53 -17.18
CA ALA B 52 -18.65 -24.73 -15.79
C ALA B 52 -17.81 -25.78 -15.08
N GLN B 53 -17.37 -26.81 -15.82
CA GLN B 53 -16.57 -27.87 -15.19
C GLN B 53 -15.23 -27.30 -14.74
N TYR B 54 -14.61 -26.51 -15.62
CA TYR B 54 -13.35 -25.85 -15.35
C TYR B 54 -13.44 -24.94 -14.13
N ASN B 55 -14.59 -24.29 -13.96
CA ASN B 55 -14.86 -23.42 -12.83
C ASN B 55 -14.88 -24.19 -11.51
N GLU B 56 -15.50 -25.36 -11.50
CA GLU B 56 -15.50 -26.16 -10.26
C GLU B 56 -14.05 -26.61 -10.03
N ALA B 57 -13.43 -27.10 -11.09
CA ALA B 57 -12.04 -27.56 -11.03
C ALA B 57 -11.13 -26.48 -10.45
N ASN B 58 -11.20 -25.30 -11.05
CA ASN B 58 -10.48 -24.11 -10.66
C ASN B 58 -10.79 -23.67 -9.22
N LYS B 59 -12.03 -23.78 -8.80
CA LYS B 59 -12.46 -23.44 -7.46
C LYS B 59 -11.84 -24.41 -6.44
N ILE B 60 -11.91 -25.71 -6.77
CA ILE B 60 -11.37 -26.74 -5.89
C ILE B 60 -9.85 -26.60 -5.79
N TYR B 61 -9.20 -26.28 -6.90
CA TYR B 61 -7.76 -26.12 -6.92
C TYR B 61 -7.35 -25.03 -5.92
N PHE B 62 -7.80 -23.79 -6.10
CA PHE B 62 -7.44 -22.69 -5.23
C PHE B 62 -7.73 -22.81 -3.73
N GLU B 63 -8.82 -23.44 -3.39
CA GLU B 63 -9.23 -23.74 -2.04
C GLU B 63 -8.57 -24.96 -1.44
N ARG B 64 -8.32 -26.02 -2.20
CA ARG B 64 -7.81 -27.26 -1.60
C ARG B 64 -6.50 -27.77 -2.15
N CYS B 65 -5.84 -27.13 -3.11
CA CYS B 65 -4.61 -27.63 -3.67
C CYS B 65 -3.44 -26.65 -3.68
N ALA B 66 -3.75 -25.38 -3.92
CA ALA B 66 -2.77 -24.32 -4.03
C ALA B 66 -1.95 -24.15 -2.75
N GLY B 67 -2.48 -24.53 -1.60
CA GLY B 67 -1.74 -24.41 -0.34
C GLY B 67 -0.44 -25.23 -0.40
N CYS B 68 -0.42 -26.35 -1.12
CA CYS B 68 0.76 -27.17 -1.23
C CYS B 68 1.37 -27.19 -2.62
N HIS B 69 0.55 -26.91 -3.65
CA HIS B 69 1.09 -26.98 -5.01
C HIS B 69 1.37 -25.61 -5.57
N GLY B 70 0.93 -24.57 -4.85
CA GLY B 70 1.17 -23.20 -5.28
C GLY B 70 0.03 -22.68 -6.16
N VAL B 71 -0.06 -21.35 -6.21
CA VAL B 71 -1.08 -20.66 -6.97
C VAL B 71 -0.83 -20.77 -8.47
N LEU B 72 0.41 -20.91 -8.89
CA LEU B 72 0.73 -21.05 -10.31
C LEU B 72 1.25 -22.45 -10.61
N ARG B 73 0.77 -23.45 -9.90
CA ARG B 73 1.15 -24.84 -9.95
C ARG B 73 2.65 -25.06 -10.05
N LYS B 74 3.46 -24.18 -9.46
CA LYS B 74 4.91 -24.34 -9.53
C LYS B 74 5.40 -25.21 -8.39
N GLY B 75 4.49 -25.64 -7.52
CA GLY B 75 4.89 -26.52 -6.45
C GLY B 75 5.46 -25.72 -5.28
N ALA B 76 5.24 -26.32 -4.12
CA ALA B 76 5.72 -25.78 -2.86
C ALA B 76 6.10 -27.04 -2.10
N THR B 77 5.21 -27.44 -1.23
CA THR B 77 5.42 -28.67 -0.43
C THR B 77 5.05 -29.80 -1.37
N GLY B 78 4.01 -29.59 -2.17
CA GLY B 78 3.59 -30.51 -3.21
C GLY B 78 4.42 -30.22 -4.45
N LYS B 79 4.44 -31.16 -5.38
CA LYS B 79 5.19 -31.03 -6.62
C LYS B 79 4.60 -30.09 -7.67
N ALA B 80 5.47 -29.67 -8.58
CA ALA B 80 5.01 -28.80 -9.69
C ALA B 80 3.95 -29.56 -10.48
N LEU B 81 2.81 -28.95 -10.74
CA LEU B 81 1.69 -29.56 -11.44
C LEU B 81 1.39 -28.78 -12.71
N THR B 82 2.47 -28.21 -13.26
CA THR B 82 2.42 -27.50 -14.52
C THR B 82 2.29 -28.48 -15.68
N PRO B 83 1.83 -28.00 -16.84
CA PRO B 83 1.61 -28.81 -18.03
C PRO B 83 2.80 -29.58 -18.54
N ASP B 84 3.97 -28.94 -18.56
CA ASP B 84 5.22 -29.57 -18.96
C ASP B 84 5.28 -30.99 -18.40
N LEU B 85 5.29 -31.05 -17.07
CA LEU B 85 5.34 -32.33 -16.37
C LEU B 85 4.02 -33.09 -16.55
N THR B 86 2.92 -32.39 -16.41
CA THR B 86 1.59 -32.96 -16.45
C THR B 86 1.19 -33.68 -17.72
N ARG B 87 1.57 -33.23 -18.91
CA ARG B 87 1.19 -33.95 -20.13
C ARG B 87 1.85 -35.32 -20.15
N ASP B 88 3.15 -35.36 -19.89
CA ASP B 88 3.89 -36.61 -19.87
C ASP B 88 3.44 -37.61 -18.83
N LEU B 89 2.99 -37.15 -17.68
CA LEU B 89 2.49 -38.09 -16.67
C LEU B 89 1.20 -38.67 -17.20
N GLY B 90 0.38 -37.80 -17.80
CA GLY B 90 -0.90 -38.15 -18.39
C GLY B 90 -2.05 -38.31 -17.43
N PHE B 91 -3.26 -38.20 -17.97
CA PHE B 91 -4.50 -38.34 -17.26
C PHE B 91 -4.43 -39.41 -16.17
N ASP B 92 -4.23 -40.65 -16.61
CA ASP B 92 -4.22 -41.80 -15.70
C ASP B 92 -3.35 -41.63 -14.50
N TYR B 93 -2.09 -41.26 -14.67
CA TYR B 93 -1.19 -41.02 -13.55
C TYR B 93 -1.83 -39.99 -12.62
N LEU B 94 -2.28 -38.85 -13.15
CA LEU B 94 -2.93 -37.84 -12.31
C LEU B 94 -4.21 -38.31 -11.65
N GLN B 95 -5.04 -39.08 -12.34
CA GLN B 95 -6.27 -39.52 -11.68
C GLN B 95 -5.91 -40.40 -10.49
N SER B 96 -4.97 -41.32 -10.70
CA SER B 96 -4.58 -42.26 -9.66
C SER B 96 -3.99 -41.55 -8.43
N PHE B 97 -3.12 -40.57 -8.71
CA PHE B 97 -2.45 -39.86 -7.63
C PHE B 97 -3.42 -39.06 -6.78
N ILE B 98 -4.41 -38.42 -7.43
CA ILE B 98 -5.40 -37.63 -6.70
C ILE B 98 -6.29 -38.56 -5.92
N THR B 99 -6.52 -39.76 -6.43
CA THR B 99 -7.34 -40.75 -5.75
C THR B 99 -6.66 -41.39 -4.55
N TYR B 100 -5.44 -41.86 -4.75
CA TYR B 100 -4.70 -42.58 -3.71
C TYR B 100 -3.76 -41.79 -2.85
N GLY B 101 -3.22 -40.67 -3.35
CA GLY B 101 -2.31 -39.87 -2.53
C GLY B 101 -1.00 -40.65 -2.38
N SER B 102 -0.26 -40.31 -1.34
CA SER B 102 1.00 -40.97 -1.07
C SER B 102 1.45 -40.60 0.34
N PRO B 103 2.31 -41.45 0.90
CA PRO B 103 2.85 -41.29 2.23
C PRO B 103 3.77 -40.10 2.37
N ALA B 104 4.18 -39.48 1.28
CA ALA B 104 4.97 -38.26 1.27
C ALA B 104 4.13 -37.06 1.66
N GLY B 105 2.82 -37.15 1.85
CA GLY B 105 2.00 -36.05 2.27
C GLY B 105 0.90 -35.62 1.33
N MET B 106 0.70 -36.32 0.22
CA MET B 106 -0.37 -35.97 -0.72
C MET B 106 -1.60 -36.74 -0.29
N PRO B 107 -2.67 -36.03 0.08
CA PRO B 107 -3.91 -36.61 0.54
C PRO B 107 -4.54 -37.60 -0.41
N ASN B 108 -5.28 -38.57 0.11
CA ASN B 108 -5.99 -39.53 -0.73
C ASN B 108 -7.42 -38.97 -0.93
N TRP B 109 -7.50 -37.96 -1.79
CA TRP B 109 -8.75 -37.27 -2.08
C TRP B 109 -9.86 -38.22 -2.50
N GLY B 110 -9.57 -39.15 -3.40
CA GLY B 110 -10.57 -40.11 -3.83
C GLY B 110 -11.00 -41.08 -2.74
N THR B 111 -10.07 -41.83 -2.18
CA THR B 111 -10.39 -42.84 -1.17
C THR B 111 -10.82 -42.29 0.17
N SER B 112 -10.54 -41.02 0.49
CA SER B 112 -11.03 -40.48 1.76
C SER B 112 -12.49 -40.07 1.59
N GLY B 113 -12.90 -39.88 0.33
CA GLY B 113 -14.23 -39.45 -0.02
C GLY B 113 -14.32 -37.93 -0.05
N GLU B 114 -13.20 -37.27 0.22
CA GLU B 114 -13.03 -35.85 0.30
C GLU B 114 -13.42 -35.17 -1.01
N LEU B 115 -13.09 -35.78 -2.13
CA LEU B 115 -13.50 -35.39 -3.46
C LEU B 115 -14.24 -36.62 -4.00
N SER B 116 -15.49 -36.51 -4.43
CA SER B 116 -16.18 -37.72 -4.88
C SER B 116 -15.62 -38.20 -6.21
N ALA B 117 -16.02 -39.40 -6.66
CA ALA B 117 -15.49 -39.96 -7.89
C ALA B 117 -15.13 -38.91 -8.93
N GLU B 118 -16.12 -38.22 -9.48
CA GLU B 118 -16.03 -37.19 -10.48
C GLU B 118 -15.17 -35.95 -10.25
N GLN B 119 -14.84 -35.54 -9.04
CA GLN B 119 -13.91 -34.44 -8.82
C GLN B 119 -12.46 -34.86 -9.01
N VAL B 120 -12.13 -36.15 -8.84
CA VAL B 120 -10.73 -36.51 -9.06
C VAL B 120 -10.41 -36.23 -10.51
N ASP B 121 -11.34 -36.64 -11.37
CA ASP B 121 -11.25 -36.55 -12.81
C ASP B 121 -11.27 -35.12 -13.34
N LEU B 122 -12.14 -34.27 -12.79
CA LEU B 122 -12.10 -32.84 -13.11
C LEU B 122 -10.71 -32.32 -12.75
N MET B 123 -10.21 -32.69 -11.55
CA MET B 123 -8.88 -32.36 -11.09
C MET B 123 -7.76 -33.16 -11.76
N ALA B 124 -8.10 -34.10 -12.62
CA ALA B 124 -7.12 -34.84 -13.41
C ALA B 124 -7.03 -34.06 -14.72
N ASN B 125 -8.20 -33.79 -15.31
CA ASN B 125 -8.26 -33.01 -16.55
C ASN B 125 -7.76 -31.58 -16.41
N TYR B 126 -8.24 -30.86 -15.40
CA TYR B 126 -7.83 -29.49 -15.14
C TYR B 126 -6.32 -29.36 -15.10
N LEU B 127 -5.62 -30.26 -14.40
CA LEU B 127 -4.17 -30.22 -14.30
C LEU B 127 -3.45 -30.28 -15.63
N LEU B 128 -4.05 -30.82 -16.69
CA LEU B 128 -3.45 -30.88 -18.01
C LEU B 128 -3.51 -29.50 -18.67
N LEU B 129 -4.53 -28.72 -18.32
CA LEU B 129 -4.72 -27.40 -18.88
C LEU B 129 -3.67 -26.41 -18.43
N ASP B 130 -3.69 -25.23 -19.04
CA ASP B 130 -2.72 -24.21 -18.63
C ASP B 130 -3.14 -23.50 -17.34
N PRO B 131 -2.15 -23.06 -16.57
CA PRO B 131 -2.35 -22.47 -15.27
C PRO B 131 -3.29 -21.28 -15.24
N ALA B 132 -4.41 -21.42 -14.53
CA ALA B 132 -5.35 -20.32 -14.42
C ALA B 132 -4.71 -19.12 -13.73
N ALA B 133 -5.36 -17.98 -13.90
CA ALA B 133 -4.96 -16.73 -13.24
C ALA B 133 -5.43 -16.84 -11.79
N PRO B 134 -4.52 -16.66 -10.86
CA PRO B 134 -4.85 -16.76 -9.44
C PRO B 134 -5.84 -15.67 -9.08
N PRO B 135 -6.90 -16.03 -8.39
CA PRO B 135 -7.94 -15.11 -7.97
C PRO B 135 -7.59 -14.33 -6.72
N GLU B 136 -8.37 -13.29 -6.46
CA GLU B 136 -8.22 -12.45 -5.30
C GLU B 136 -8.98 -13.14 -4.17
N PHE B 137 -8.83 -12.64 -2.95
CA PHE B 137 -9.50 -13.22 -1.80
C PHE B 137 -9.78 -12.06 -0.84
N GLY B 138 -10.91 -11.40 -1.04
CA GLY B 138 -11.27 -10.22 -0.29
C GLY B 138 -12.22 -10.47 0.86
N MET B 139 -12.80 -9.39 1.36
CA MET B 139 -13.70 -9.38 2.49
C MET B 139 -14.89 -10.32 2.32
N LYS B 140 -15.47 -10.32 1.13
CA LYS B 140 -16.64 -11.15 0.87
C LYS B 140 -16.31 -12.64 0.95
N GLU B 141 -15.18 -13.04 0.39
CA GLU B 141 -14.72 -14.42 0.46
C GLU B 141 -14.31 -14.77 1.89
N MET B 142 -13.65 -13.87 2.63
CA MET B 142 -13.26 -14.20 3.99
C MET B 142 -14.49 -14.37 4.89
N ARG B 143 -15.47 -13.47 4.73
CA ARG B 143 -16.67 -13.58 5.58
C ARG B 143 -17.44 -14.86 5.29
N GLU B 144 -17.44 -15.39 4.08
CA GLU B 144 -18.12 -16.63 3.78
C GLU B 144 -17.39 -17.82 4.41
N SER B 145 -16.08 -17.78 4.54
CA SER B 145 -15.27 -18.82 5.13
C SER B 145 -15.26 -18.74 6.65
N TRP B 146 -15.55 -17.56 7.18
CA TRP B 146 -15.58 -17.29 8.60
C TRP B 146 -16.77 -17.92 9.31
N LYS B 147 -16.49 -18.75 10.32
CA LYS B 147 -17.52 -19.43 11.09
C LYS B 147 -17.22 -19.31 12.59
N VAL B 148 -18.22 -18.96 13.38
CA VAL B 148 -18.06 -18.86 14.83
C VAL B 148 -18.79 -20.05 15.45
N HIS B 149 -18.07 -21.09 15.83
CA HIS B 149 -18.71 -22.27 16.38
C HIS B 149 -19.27 -21.96 17.76
N VAL B 150 -18.48 -21.33 18.62
CA VAL B 150 -18.95 -20.95 19.94
C VAL B 150 -18.77 -19.44 20.14
N ALA B 151 -19.91 -18.74 20.26
CA ALA B 151 -19.84 -17.30 20.48
C ALA B 151 -19.13 -17.02 21.81
N PRO B 152 -18.45 -15.88 21.90
CA PRO B 152 -17.75 -15.48 23.10
C PRO B 152 -18.62 -15.49 24.34
N GLU B 153 -19.89 -15.08 24.26
CA GLU B 153 -20.80 -15.08 25.38
C GLU B 153 -20.98 -16.46 26.02
N ASP B 154 -20.95 -17.50 25.19
CA ASP B 154 -21.12 -18.87 25.58
C ASP B 154 -19.83 -19.60 25.91
N ARG B 155 -18.73 -18.88 26.06
CA ARG B 155 -17.47 -19.54 26.41
C ARG B 155 -17.25 -19.43 27.90
N PRO B 156 -16.43 -20.30 28.47
CA PRO B 156 -16.15 -20.24 29.90
C PRO B 156 -15.67 -18.83 30.27
N THR B 157 -15.86 -18.46 31.52
CA THR B 157 -15.40 -17.21 32.10
C THR B 157 -14.16 -17.51 32.96
N GLN B 158 -13.76 -18.78 32.97
CA GLN B 158 -12.57 -19.21 33.69
C GLN B 158 -12.13 -20.57 33.15
N GLN B 159 -10.86 -20.92 33.33
CA GLN B 159 -10.39 -22.21 32.82
C GLN B 159 -11.30 -23.31 33.36
N GLU B 160 -11.88 -24.12 32.49
CA GLU B 160 -12.74 -25.21 32.99
C GLU B 160 -12.14 -26.59 32.89
N ASN B 161 -10.82 -26.71 32.80
CA ASN B 161 -10.13 -27.99 32.79
C ASN B 161 -9.01 -27.86 33.82
N ASP B 162 -8.37 -28.94 34.22
CA ASP B 162 -7.30 -28.88 35.21
C ASP B 162 -5.92 -28.86 34.58
N TRP B 163 -5.82 -28.56 33.29
CA TRP B 163 -4.54 -28.57 32.61
C TRP B 163 -3.65 -27.43 33.07
N ASP B 164 -2.36 -27.62 32.94
CA ASP B 164 -1.39 -26.55 33.21
C ASP B 164 -1.19 -25.84 31.87
N LEU B 165 -2.10 -24.93 31.52
CA LEU B 165 -2.09 -24.28 30.22
C LEU B 165 -0.79 -23.60 29.82
N GLU B 166 -0.09 -22.90 30.70
CA GLU B 166 1.16 -22.26 30.32
C GLU B 166 2.33 -23.18 30.04
N ASN B 167 2.30 -24.42 30.51
CA ASN B 167 3.38 -25.37 30.28
C ASN B 167 3.00 -26.38 29.20
N LEU B 168 1.92 -26.10 28.49
CA LEU B 168 1.39 -26.91 27.42
C LEU B 168 2.15 -26.65 26.12
N PHE B 169 2.30 -27.71 25.32
CA PHE B 169 3.00 -27.62 24.05
C PHE B 169 1.99 -27.82 22.92
N SER B 170 1.97 -26.91 21.94
CA SER B 170 1.07 -27.11 20.78
C SER B 170 1.97 -27.54 19.62
N VAL B 171 1.82 -28.81 19.21
CA VAL B 171 2.69 -29.40 18.20
C VAL B 171 1.98 -29.59 16.87
N THR B 172 2.66 -29.17 15.81
CA THR B 172 2.16 -29.28 14.44
C THR B 172 2.30 -30.70 13.89
N LEU B 173 1.18 -31.32 13.54
CA LEU B 173 1.21 -32.67 12.96
C LEU B 173 1.04 -32.50 11.46
N ARG B 174 2.14 -32.11 10.83
CA ARG B 174 2.24 -31.75 9.42
C ARG B 174 1.32 -32.45 8.44
N ASP B 175 1.57 -33.72 8.18
CA ASP B 175 0.81 -34.50 7.21
C ASP B 175 -0.49 -35.03 7.73
N ALA B 176 -0.86 -34.73 8.98
CA ALA B 176 -2.15 -35.20 9.50
C ALA B 176 -3.13 -34.03 9.57
N GLY B 177 -2.66 -32.82 9.27
CA GLY B 177 -3.56 -31.66 9.30
C GLY B 177 -4.16 -31.38 10.67
N GLN B 178 -3.40 -31.63 11.73
CA GLN B 178 -3.83 -31.47 13.10
C GLN B 178 -2.72 -30.93 14.00
N ILE B 179 -3.14 -30.53 15.20
CA ILE B 179 -2.17 -30.10 16.20
C ILE B 179 -2.38 -31.03 17.39
N ALA B 180 -1.34 -31.27 18.17
CA ALA B 180 -1.46 -32.07 19.38
C ALA B 180 -1.18 -31.16 20.56
N LEU B 181 -2.01 -31.20 21.59
CA LEU B 181 -1.76 -30.40 22.79
C LEU B 181 -1.19 -31.36 23.83
N ILE B 182 0.08 -31.13 24.18
CA ILE B 182 0.82 -32.03 25.05
C ILE B 182 1.25 -31.34 26.34
N ASP B 183 0.97 -32.04 27.44
CA ASP B 183 1.29 -31.60 28.79
C ASP B 183 2.80 -31.49 28.96
N GLY B 184 3.34 -30.34 29.34
CA GLY B 184 4.76 -30.18 29.50
C GLY B 184 5.51 -30.87 30.63
N ALA B 185 4.83 -31.42 31.63
CA ALA B 185 5.55 -32.06 32.74
C ALA B 185 5.34 -33.57 32.78
N THR B 186 4.18 -34.04 32.38
CA THR B 186 3.89 -35.46 32.43
C THR B 186 4.02 -36.12 31.06
N TYR B 187 4.27 -35.33 30.05
CA TYR B 187 4.51 -35.66 28.67
C TYR B 187 3.37 -36.37 27.97
N GLU B 188 2.14 -36.25 28.47
CA GLU B 188 1.02 -36.90 27.83
C GLU B 188 0.24 -36.02 26.86
N ILE B 189 -0.20 -36.67 25.78
CA ILE B 189 -0.99 -36.01 24.75
C ILE B 189 -2.39 -35.76 25.31
N LYS B 190 -2.64 -34.50 25.62
CA LYS B 190 -3.89 -34.06 26.20
C LYS B 190 -5.01 -34.09 25.17
N SER B 191 -4.67 -33.67 23.95
CA SER B 191 -5.67 -33.61 22.90
C SER B 191 -5.06 -33.48 21.51
N VAL B 192 -5.76 -34.06 20.54
CA VAL B 192 -5.35 -33.98 19.15
C VAL B 192 -6.49 -33.28 18.42
N LEU B 193 -6.19 -32.12 17.84
CA LEU B 193 -7.26 -31.34 17.22
C LEU B 193 -6.99 -31.12 15.74
N ASP B 194 -8.04 -31.33 14.96
CA ASP B 194 -8.00 -31.13 13.53
C ASP B 194 -8.06 -29.64 13.19
N THR B 195 -7.17 -29.20 12.32
CA THR B 195 -7.13 -27.79 11.93
C THR B 195 -7.36 -27.73 10.43
N GLY B 196 -6.58 -28.53 9.70
CA GLY B 196 -6.75 -28.61 8.25
C GLY B 196 -5.42 -29.01 7.62
N TYR B 197 -5.48 -29.53 6.39
CA TYR B 197 -4.28 -29.96 5.70
C TYR B 197 -3.26 -28.83 5.64
N ALA B 198 -2.00 -29.20 5.75
CA ALA B 198 -0.88 -28.28 5.68
C ALA B 198 -0.74 -27.34 6.86
N VAL B 199 -1.21 -27.73 8.03
CA VAL B 199 -1.02 -26.98 9.26
C VAL B 199 0.44 -26.52 9.29
N HIS B 200 0.72 -25.28 9.69
CA HIS B 200 2.12 -24.90 9.78
C HIS B 200 2.52 -24.53 11.20
N ILE B 201 1.92 -23.48 11.76
CA ILE B 201 2.39 -23.00 13.05
C ILE B 201 1.27 -22.63 14.02
N SER B 202 1.67 -22.56 15.28
CA SER B 202 0.79 -22.22 16.37
C SER B 202 1.26 -20.92 17.03
N ARG B 203 0.30 -20.08 17.42
CA ARG B 203 0.67 -18.84 18.12
C ARG B 203 -0.37 -18.66 19.23
N LEU B 204 0.04 -18.04 20.32
CA LEU B 204 -0.84 -17.84 21.45
C LEU B 204 -1.22 -16.39 21.68
N SER B 205 -2.43 -16.12 22.14
CA SER B 205 -2.80 -14.75 22.50
C SER B 205 -1.98 -14.38 23.74
N ALA B 206 -1.85 -13.09 24.03
CA ALA B 206 -1.07 -12.60 25.15
C ALA B 206 -1.49 -13.03 26.54
N SER B 207 -2.71 -13.48 26.77
CA SER B 207 -3.14 -13.95 28.07
C SER B 207 -2.93 -15.45 28.18
N GLY B 208 -2.64 -16.11 27.06
CA GLY B 208 -2.44 -17.55 27.00
C GLY B 208 -3.76 -18.30 26.87
N ARG B 209 -4.91 -17.64 26.76
CA ARG B 209 -6.17 -18.34 26.65
C ARG B 209 -6.46 -18.87 25.25
N TYR B 210 -6.10 -18.07 24.25
CA TYR B 210 -6.42 -18.43 22.88
C TYR B 210 -5.22 -18.90 22.07
N LEU B 211 -5.46 -20.04 21.45
CA LEU B 211 -4.47 -20.70 20.61
C LEU B 211 -4.83 -20.50 19.15
N PHE B 212 -3.91 -19.91 18.39
CA PHE B 212 -4.22 -19.71 16.96
C PHE B 212 -3.30 -20.58 16.11
N VAL B 213 -3.91 -21.27 15.14
CA VAL B 213 -3.09 -22.08 14.24
C VAL B 213 -3.42 -21.67 12.81
N ILE B 214 -2.41 -21.70 11.95
CA ILE B 214 -2.63 -21.38 10.53
C ILE B 214 -1.94 -22.45 9.70
N GLY B 215 -2.52 -22.82 8.57
CA GLY B 215 -1.93 -23.81 7.66
C GLY B 215 -1.55 -23.10 6.36
N ARG B 216 -0.87 -23.81 5.48
CA ARG B 216 -0.40 -23.31 4.20
C ARG B 216 -1.49 -22.79 3.28
N ASP B 217 -2.72 -23.25 3.42
CA ASP B 217 -3.81 -22.81 2.58
C ASP B 217 -4.49 -21.55 3.09
N GLY B 218 -4.02 -20.90 4.14
CA GLY B 218 -4.63 -19.71 4.68
C GLY B 218 -5.74 -20.01 5.67
N LYS B 219 -5.88 -21.27 6.04
CA LYS B 219 -6.90 -21.67 7.00
C LYS B 219 -6.43 -21.32 8.41
N VAL B 220 -7.26 -20.57 9.13
CA VAL B 220 -6.96 -20.15 10.48
C VAL B 220 -7.95 -20.79 11.46
N ASN B 221 -7.43 -21.43 12.50
CA ASN B 221 -8.27 -22.00 13.53
C ASN B 221 -8.00 -21.30 14.88
N MET B 222 -9.07 -20.98 15.60
CA MET B 222 -8.99 -20.36 16.91
C MET B 222 -9.49 -21.37 17.95
N ILE B 223 -8.67 -21.70 18.93
CA ILE B 223 -9.07 -22.67 19.97
C ILE B 223 -9.11 -22.05 21.36
N ASP B 224 -10.17 -22.33 22.11
CA ASP B 224 -10.30 -21.81 23.47
C ASP B 224 -9.75 -22.84 24.46
N LEU B 225 -8.61 -22.54 25.08
CA LEU B 225 -7.97 -23.46 26.02
C LEU B 225 -8.66 -23.52 27.37
N TRP B 226 -9.71 -22.75 27.60
CA TRP B 226 -10.43 -22.71 28.86
C TRP B 226 -11.62 -23.65 28.88
N MET B 227 -11.99 -24.21 27.74
CA MET B 227 -13.11 -25.13 27.68
C MET B 227 -12.77 -26.45 28.35
N LYS B 228 -13.79 -27.15 28.88
CA LYS B 228 -13.58 -28.47 29.44
C LYS B 228 -12.80 -29.30 28.42
N GLU B 229 -13.31 -29.32 27.19
CA GLU B 229 -12.61 -29.93 26.07
C GLU B 229 -12.26 -28.83 25.06
N PRO B 230 -11.06 -28.30 25.15
CA PRO B 230 -10.59 -27.26 24.24
C PRO B 230 -10.83 -27.67 22.79
N THR B 231 -11.44 -26.80 22.00
CA THR B 231 -11.74 -27.10 20.60
C THR B 231 -11.74 -25.83 19.76
N THR B 232 -11.93 -25.94 18.44
CA THR B 232 -11.98 -24.74 17.61
C THR B 232 -13.27 -23.97 17.87
N VAL B 233 -13.17 -22.72 18.30
CA VAL B 233 -14.36 -21.94 18.62
C VAL B 233 -14.70 -21.01 17.47
N ALA B 234 -13.71 -20.83 16.58
CA ALA B 234 -13.88 -19.99 15.41
C ALA B 234 -12.83 -20.35 14.35
N GLU B 235 -13.20 -20.13 13.10
CA GLU B 235 -12.29 -20.42 12.00
C GLU B 235 -12.54 -19.46 10.84
N ILE B 236 -11.52 -19.40 9.98
CA ILE B 236 -11.64 -18.52 8.81
C ILE B 236 -10.49 -18.78 7.85
N LYS B 237 -10.65 -18.36 6.62
CA LYS B 237 -9.65 -18.56 5.57
C LYS B 237 -9.22 -17.19 5.09
N ILE B 238 -7.92 -16.93 5.01
CA ILE B 238 -7.47 -15.59 4.67
C ILE B 238 -6.71 -15.37 3.38
N GLY B 239 -6.65 -16.38 2.53
CA GLY B 239 -5.96 -16.29 1.25
C GLY B 239 -5.89 -17.69 0.61
N SER B 240 -5.04 -17.86 -0.39
CA SER B 240 -4.89 -19.18 -1.01
C SER B 240 -3.63 -19.85 -0.47
N GLU B 241 -2.66 -19.01 -0.16
CA GLU B 241 -1.37 -19.47 0.37
C GLU B 241 -0.99 -18.54 1.54
N ALA B 242 -0.66 -19.10 2.69
CA ALA B 242 -0.28 -18.28 3.85
C ALA B 242 0.65 -19.07 4.76
N ARG B 243 1.34 -18.41 5.67
CA ARG B 243 2.23 -19.07 6.61
C ARG B 243 2.22 -18.41 7.99
N SER B 244 1.84 -17.16 8.07
CA SER B 244 1.92 -16.39 9.30
C SER B 244 0.65 -15.95 10.01
N ILE B 245 0.74 -15.98 11.34
CA ILE B 245 -0.33 -15.51 12.23
C ILE B 245 0.34 -15.00 13.50
N GLU B 246 -0.25 -14.03 14.18
CA GLU B 246 0.32 -13.47 15.41
C GLU B 246 -0.73 -12.71 16.20
N THR B 247 -0.51 -12.58 17.51
CA THR B 247 -1.47 -11.92 18.39
C THR B 247 -1.00 -10.59 18.95
N SER B 248 -1.92 -9.69 19.30
CA SER B 248 -1.49 -8.39 19.83
C SER B 248 -0.83 -8.61 21.19
N LYS B 249 0.40 -8.15 21.32
CA LYS B 249 1.17 -8.37 22.55
C LYS B 249 1.61 -7.12 23.28
N MET B 250 1.07 -5.96 22.95
CA MET B 250 1.37 -4.70 23.61
C MET B 250 0.60 -4.69 24.93
N GLU B 251 1.26 -4.41 26.06
CA GLU B 251 0.54 -4.38 27.33
C GLU B 251 -0.77 -3.59 27.16
N GLY B 252 -1.88 -4.14 27.62
CA GLY B 252 -3.17 -3.48 27.47
C GLY B 252 -3.97 -3.94 26.26
N TRP B 253 -3.38 -4.68 25.34
CA TRP B 253 -4.06 -5.09 24.12
C TRP B 253 -4.22 -6.61 24.06
N GLU B 254 -4.10 -7.19 25.26
CA GLU B 254 -4.19 -8.64 25.39
C GLU B 254 -5.51 -9.09 24.80
N ASP B 255 -5.43 -10.07 23.90
CA ASP B 255 -6.55 -10.70 23.24
C ASP B 255 -7.35 -9.82 22.30
N LYS B 256 -6.90 -8.61 22.02
CA LYS B 256 -7.63 -7.68 21.17
C LYS B 256 -7.68 -8.15 19.73
N TYR B 257 -6.51 -8.43 19.16
CA TYR B 257 -6.41 -8.81 17.77
C TYR B 257 -5.47 -9.96 17.46
N ALA B 258 -5.70 -10.48 16.28
CA ALA B 258 -4.87 -11.49 15.66
C ALA B 258 -4.58 -10.96 14.25
N ILE B 259 -3.45 -11.29 13.67
CA ILE B 259 -3.15 -10.85 12.31
C ILE B 259 -2.68 -12.06 11.51
N ALA B 260 -3.05 -12.18 10.25
CA ALA B 260 -2.59 -13.30 9.43
C ALA B 260 -2.00 -12.74 8.12
N GLY B 261 -0.94 -13.39 7.66
CA GLY B 261 -0.25 -12.91 6.45
C GLY B 261 -0.37 -14.01 5.39
N ALA B 262 -0.57 -13.60 4.16
CA ALA B 262 -0.69 -14.50 3.03
C ALA B 262 0.47 -14.39 2.07
N TYR B 263 0.83 -15.50 1.42
CA TYR B 263 1.84 -15.54 0.37
C TYR B 263 1.10 -15.08 -0.90
N TRP B 264 -0.16 -15.55 -0.95
CA TRP B 264 -1.09 -15.19 -2.00
C TRP B 264 -2.53 -15.33 -1.49
N PRO B 265 -3.32 -14.30 -1.75
CA PRO B 265 -2.89 -13.07 -2.41
C PRO B 265 -1.96 -12.28 -1.51
N PRO B 266 -1.31 -11.26 -2.07
CA PRO B 266 -0.33 -10.45 -1.36
C PRO B 266 -1.00 -9.55 -0.34
N GLN B 267 -1.16 -10.06 0.89
CA GLN B 267 -1.90 -9.30 1.88
C GLN B 267 -1.87 -9.89 3.29
N TYR B 268 -2.14 -9.00 4.24
CA TYR B 268 -2.26 -9.48 5.62
C TYR B 268 -3.65 -9.03 6.05
N VAL B 269 -4.22 -9.61 7.08
CA VAL B 269 -5.55 -9.24 7.52
C VAL B 269 -5.57 -9.20 9.05
N ILE B 270 -6.11 -8.13 9.60
CA ILE B 270 -6.23 -8.02 11.06
C ILE B 270 -7.64 -8.49 11.42
N MET B 271 -7.71 -9.44 12.34
CA MET B 271 -8.97 -10.01 12.77
C MET B 271 -9.25 -9.75 14.25
N ASP B 272 -10.53 -9.75 14.59
CA ASP B 272 -10.94 -9.58 15.99
C ASP B 272 -10.31 -10.71 16.81
N GLY B 273 -9.69 -10.43 17.94
CA GLY B 273 -9.02 -11.41 18.76
C GLY B 273 -9.92 -12.44 19.43
N GLU B 274 -11.24 -12.25 19.41
CA GLU B 274 -12.13 -13.21 20.05
C GLU B 274 -13.05 -13.92 19.10
N THR B 275 -13.27 -13.41 17.89
CA THR B 275 -14.19 -14.10 16.99
C THR B 275 -13.58 -14.47 15.64
N LEU B 276 -12.41 -13.92 15.34
CA LEU B 276 -11.69 -14.10 14.10
C LEU B 276 -12.29 -13.22 12.98
N GLU B 277 -13.22 -12.35 13.36
CA GLU B 277 -13.86 -11.48 12.39
C GLU B 277 -12.78 -10.59 11.77
N PRO B 278 -12.79 -10.58 10.44
CA PRO B 278 -11.83 -9.85 9.63
C PRO B 278 -12.20 -8.38 9.60
N LYS B 279 -11.33 -7.54 10.14
CA LYS B 279 -11.62 -6.14 10.28
C LYS B 279 -10.95 -5.29 9.20
N LYS B 280 -9.71 -5.59 8.87
CA LYS B 280 -8.98 -4.77 7.91
C LYS B 280 -8.05 -5.63 7.07
N ILE B 281 -8.23 -5.53 5.76
CA ILE B 281 -7.37 -6.26 4.83
C ILE B 281 -6.41 -5.22 4.21
N GLN B 282 -5.12 -5.51 4.24
CA GLN B 282 -4.18 -4.57 3.62
C GLN B 282 -3.42 -5.31 2.51
N SER B 283 -3.36 -4.72 1.34
CA SER B 283 -2.61 -5.27 0.23
C SER B 283 -1.12 -5.00 0.44
N THR B 284 -0.24 -5.89 0.02
CA THR B 284 1.19 -5.65 0.19
C THR B 284 1.86 -5.47 -1.16
N ARG B 285 1.03 -5.34 -2.20
CA ARG B 285 1.52 -5.03 -3.53
C ARG B 285 2.16 -3.65 -3.43
N GLY B 286 3.32 -3.47 -4.04
CA GLY B 286 3.97 -2.15 -3.93
C GLY B 286 5.32 -2.17 -4.61
N MET B 287 6.19 -1.25 -4.20
CA MET B 287 7.48 -1.11 -4.86
C MET B 287 8.63 -1.73 -4.09
N THR B 288 9.61 -2.27 -4.80
CA THR B 288 10.81 -2.79 -4.15
C THR B 288 11.51 -1.61 -3.47
N TYR B 289 12.25 -1.85 -2.40
CA TYR B 289 12.90 -0.75 -1.71
C TYR B 289 14.14 -0.24 -2.45
N ASP B 290 14.95 -1.10 -3.07
CA ASP B 290 16.23 -0.61 -3.59
C ASP B 290 16.17 -0.03 -4.98
N GLU B 291 15.29 -0.55 -5.82
CA GLU B 291 15.19 -0.10 -7.20
C GLU B 291 13.86 0.62 -7.46
N GLN B 292 12.96 0.57 -6.51
CA GLN B 292 11.67 1.20 -6.58
C GLN B 292 10.97 0.92 -7.89
N GLU B 293 10.70 -0.37 -8.11
CA GLU B 293 9.93 -0.84 -9.26
C GLU B 293 8.72 -1.56 -8.69
N TYR B 294 7.57 -1.50 -9.37
CA TYR B 294 6.38 -2.19 -8.86
C TYR B 294 6.55 -3.69 -8.86
N HIS B 295 6.13 -4.37 -7.81
CA HIS B 295 6.18 -5.82 -7.68
C HIS B 295 4.73 -6.27 -7.42
N PRO B 296 4.22 -7.09 -8.34
CA PRO B 296 2.84 -7.53 -8.30
C PRO B 296 2.53 -8.63 -7.31
N GLU B 297 3.49 -9.24 -6.65
CA GLU B 297 3.18 -10.33 -5.72
C GLU B 297 4.15 -10.48 -4.56
N PRO B 298 4.21 -9.46 -3.70
CA PRO B 298 5.08 -9.46 -2.53
C PRO B 298 4.51 -10.35 -1.44
N ARG B 299 5.14 -11.48 -1.14
CA ARG B 299 4.60 -12.35 -0.11
C ARG B 299 4.84 -11.80 1.30
N VAL B 300 3.92 -12.12 2.21
CA VAL B 300 4.06 -11.78 3.61
C VAL B 300 4.77 -12.95 4.30
N ALA B 301 5.93 -12.69 4.90
CA ALA B 301 6.67 -13.75 5.59
C ALA B 301 6.33 -13.71 7.08
N ALA B 302 7.30 -13.71 7.99
CA ALA B 302 6.99 -13.72 9.41
C ALA B 302 6.29 -12.44 9.87
N ILE B 303 5.45 -12.61 10.90
CA ILE B 303 4.77 -11.48 11.52
C ILE B 303 5.00 -11.59 13.03
N LEU B 304 5.43 -10.51 13.66
CA LEU B 304 5.67 -10.50 15.11
C LEU B 304 4.81 -9.38 15.68
N ALA B 305 4.86 -9.20 17.00
CA ALA B 305 4.05 -8.13 17.61
C ALA B 305 4.92 -7.27 18.50
N SER B 306 4.88 -5.95 18.31
CA SER B 306 5.64 -5.04 19.14
C SER B 306 5.24 -5.11 20.61
N HIS B 307 6.17 -4.86 21.51
CA HIS B 307 5.89 -4.80 22.95
C HIS B 307 6.10 -3.35 23.42
N TYR B 308 6.58 -2.52 22.50
CA TYR B 308 6.85 -1.12 22.78
C TYR B 308 5.69 -0.28 22.32
N ARG B 309 5.02 -0.71 21.26
CA ARG B 309 3.86 0.01 20.75
C ARG B 309 2.81 -1.02 20.34
N PRO B 310 1.56 -0.57 20.25
CA PRO B 310 0.46 -1.42 19.83
C PRO B 310 0.48 -1.57 18.32
N GLU B 311 1.47 -2.31 17.83
CA GLU B 311 1.69 -2.58 16.43
C GLU B 311 2.04 -4.04 16.15
N PHE B 312 1.81 -4.39 14.89
CA PHE B 312 2.19 -5.71 14.37
C PHE B 312 3.42 -5.41 13.50
N ILE B 313 4.35 -6.34 13.48
CA ILE B 313 5.59 -6.20 12.73
C ILE B 313 5.52 -7.18 11.55
N VAL B 314 5.32 -6.64 10.34
CA VAL B 314 5.09 -7.51 9.19
C VAL B 314 6.22 -7.51 8.18
N ASN B 315 6.76 -8.69 7.90
CA ASN B 315 7.82 -8.86 6.90
C ASN B 315 7.17 -9.06 5.52
N VAL B 316 7.57 -8.24 4.56
CA VAL B 316 7.07 -8.34 3.19
C VAL B 316 8.30 -8.69 2.32
N LYS B 317 8.43 -9.96 2.00
CA LYS B 317 9.57 -10.54 1.33
C LYS B 317 10.11 -9.89 0.07
N GLU B 318 9.39 -9.94 -1.05
CA GLU B 318 9.90 -9.49 -2.33
C GLU B 318 10.09 -8.00 -2.47
N THR B 319 9.44 -7.17 -1.65
CA THR B 319 9.64 -5.73 -1.78
C THR B 319 10.73 -5.26 -0.83
N GLY B 320 11.07 -6.09 0.15
CA GLY B 320 12.10 -5.73 1.12
C GLY B 320 11.58 -4.65 2.07
N LYS B 321 10.33 -4.83 2.51
CA LYS B 321 9.71 -3.88 3.41
C LYS B 321 9.26 -4.56 4.70
N ILE B 322 9.50 -3.86 5.81
CA ILE B 322 9.01 -4.29 7.11
C ILE B 322 7.93 -3.27 7.49
N LEU B 323 6.73 -3.74 7.80
CA LEU B 323 5.65 -2.83 8.13
C LEU B 323 5.39 -2.84 9.63
N LEU B 324 5.20 -1.64 10.19
CA LEU B 324 4.82 -1.44 11.58
C LEU B 324 3.38 -0.91 11.47
N VAL B 325 2.44 -1.77 11.79
CA VAL B 325 1.02 -1.47 11.63
C VAL B 325 0.35 -1.26 12.97
N ASP B 326 -0.08 -0.04 13.21
CA ASP B 326 -0.72 0.35 14.46
C ASP B 326 -2.16 -0.12 14.52
N TYR B 327 -2.51 -0.94 15.52
CA TYR B 327 -3.89 -1.42 15.56
C TYR B 327 -4.75 -0.65 16.53
N THR B 328 -4.36 0.56 16.96
CA THR B 328 -5.20 1.33 17.87
C THR B 328 -6.40 1.93 17.14
N ASP B 329 -6.25 2.09 15.83
CA ASP B 329 -7.32 2.67 15.03
C ASP B 329 -7.24 2.07 13.63
N LEU B 330 -8.21 1.21 13.34
CA LEU B 330 -8.22 0.49 12.07
C LEU B 330 -8.84 1.27 10.93
N ASP B 331 -9.59 2.33 11.16
CA ASP B 331 -10.16 3.12 10.07
C ASP B 331 -9.17 4.22 9.65
N ASN B 332 -8.51 4.82 10.66
CA ASN B 332 -7.49 5.84 10.40
C ASN B 332 -6.17 5.12 10.63
N LEU B 333 -5.85 4.18 9.74
CA LEU B 333 -4.73 3.28 9.88
C LEU B 333 -3.33 3.84 9.64
N LYS B 334 -2.61 3.90 10.74
CA LYS B 334 -1.23 4.34 10.77
C LYS B 334 -0.25 3.18 10.56
N THR B 335 0.70 3.41 9.66
CA THR B 335 1.74 2.47 9.37
C THR B 335 3.08 3.19 9.13
N THR B 336 4.12 2.43 9.36
CA THR B 336 5.49 2.83 9.06
C THR B 336 5.95 1.77 8.05
N GLU B 337 6.28 2.21 6.84
CA GLU B 337 6.75 1.31 5.79
C GLU B 337 8.27 1.42 5.75
N ILE B 338 8.94 0.42 6.31
CA ILE B 338 10.40 0.50 6.42
C ILE B 338 11.17 -0.21 5.31
N SER B 339 12.01 0.57 4.65
CA SER B 339 12.88 0.08 3.58
C SER B 339 13.95 -0.79 4.25
N ALA B 340 14.04 -2.04 3.82
CA ALA B 340 14.98 -2.94 4.51
C ALA B 340 15.88 -3.68 3.53
N GLU B 341 15.59 -4.95 3.30
CA GLU B 341 16.38 -5.75 2.36
C GLU B 341 15.47 -6.84 1.80
N ARG B 342 15.62 -7.15 0.51
CA ARG B 342 14.77 -8.17 -0.09
C ARG B 342 15.04 -9.52 0.54
N PHE B 343 14.07 -10.43 0.41
CA PHE B 343 14.17 -11.79 0.88
C PHE B 343 13.89 -12.00 2.35
N LEU B 344 13.21 -11.06 2.98
CA LEU B 344 12.85 -11.18 4.37
C LEU B 344 12.05 -12.48 4.60
N HIS B 345 12.43 -13.16 5.67
CA HIS B 345 11.71 -14.38 6.03
C HIS B 345 11.35 -14.35 7.50
N ASP B 346 12.14 -14.99 8.34
CA ASP B 346 11.91 -15.10 9.77
C ASP B 346 12.78 -14.14 10.57
N GLY B 347 12.48 -14.04 11.86
CA GLY B 347 13.24 -13.19 12.77
C GLY B 347 12.64 -13.19 14.15
N GLY B 348 13.25 -12.46 15.08
CA GLY B 348 12.70 -12.43 16.45
C GLY B 348 13.02 -11.09 17.10
N LEU B 349 12.49 -10.89 18.31
CA LEU B 349 12.79 -9.68 19.06
C LEU B 349 14.06 -9.91 19.87
N ASP B 350 14.86 -8.87 20.14
CA ASP B 350 16.05 -9.10 20.97
C ASP B 350 15.54 -9.43 22.38
N GLY B 351 16.48 -9.72 23.27
CA GLY B 351 16.18 -10.04 24.67
C GLY B 351 15.40 -8.92 25.35
N SER B 352 15.62 -7.64 25.00
CA SER B 352 14.83 -6.59 25.66
C SER B 352 13.48 -6.37 25.01
N HIS B 353 13.17 -7.06 23.93
CA HIS B 353 11.93 -6.98 23.20
C HIS B 353 11.73 -5.66 22.50
N ARG B 354 12.78 -4.91 22.21
CA ARG B 354 12.67 -3.63 21.54
C ARG B 354 13.07 -3.69 20.07
N TYR B 355 14.10 -4.48 19.76
CA TYR B 355 14.65 -4.52 18.42
C TYR B 355 14.25 -5.78 17.65
N PHE B 356 13.76 -5.58 16.44
CA PHE B 356 13.34 -6.73 15.64
C PHE B 356 14.52 -7.11 14.75
N ILE B 357 14.92 -8.37 14.82
CA ILE B 357 16.08 -8.84 14.05
C ILE B 357 15.57 -9.94 13.12
N THR B 358 15.75 -9.76 11.82
CA THR B 358 15.18 -10.70 10.87
C THR B 358 16.08 -10.99 9.69
N ALA B 359 16.01 -12.22 9.21
CA ALA B 359 16.86 -12.67 8.11
C ALA B 359 16.35 -12.31 6.72
N ALA B 360 17.17 -11.63 5.95
CA ALA B 360 16.96 -11.39 4.53
C ALA B 360 17.82 -12.54 3.96
N ASN B 361 17.28 -13.74 4.06
CA ASN B 361 17.97 -14.99 3.86
C ASN B 361 18.75 -15.18 2.59
N ALA B 362 18.22 -14.94 1.40
CA ALA B 362 19.00 -15.13 0.19
C ALA B 362 20.11 -14.12 0.06
N ARG B 363 20.08 -13.02 0.82
CA ARG B 363 21.16 -12.03 0.73
C ARG B 363 22.13 -12.11 1.89
N ASN B 364 21.95 -13.12 2.75
CA ASN B 364 22.81 -13.39 3.89
C ASN B 364 22.90 -12.22 4.86
N LYS B 365 21.80 -11.47 5.00
CA LYS B 365 21.82 -10.32 5.88
C LYS B 365 20.84 -10.45 7.06
N LEU B 366 21.19 -9.75 8.13
CA LEU B 366 20.30 -9.60 9.28
C LEU B 366 19.82 -8.15 9.22
N VAL B 367 18.50 -7.95 9.29
CA VAL B 367 17.97 -6.58 9.27
C VAL B 367 17.49 -6.30 10.70
N VAL B 368 17.80 -5.14 11.25
CA VAL B 368 17.44 -4.77 12.61
C VAL B 368 16.60 -3.49 12.61
N ILE B 369 15.45 -3.59 13.26
CA ILE B 369 14.51 -2.50 13.34
C ILE B 369 14.29 -2.08 14.79
N ASP B 370 14.23 -0.78 15.05
CA ASP B 370 13.93 -0.32 16.40
C ASP B 370 12.40 -0.10 16.43
N THR B 371 11.70 -0.94 17.19
CA THR B 371 10.25 -0.86 17.29
C THR B 371 9.76 0.29 18.16
N LYS B 372 10.65 0.91 18.93
CA LYS B 372 10.23 2.06 19.74
C LYS B 372 10.31 3.31 18.86
N GLU B 373 11.42 3.49 18.14
CA GLU B 373 11.52 4.68 17.28
C GLU B 373 10.86 4.46 15.92
N GLY B 374 10.58 3.22 15.56
CA GLY B 374 9.95 2.88 14.30
C GLY B 374 10.87 3.08 13.10
N LYS B 375 12.13 2.67 13.20
CA LYS B 375 13.01 2.84 12.04
C LYS B 375 14.11 1.79 11.94
N LEU B 376 14.58 1.58 10.72
CA LEU B 376 15.67 0.69 10.42
C LEU B 376 16.91 1.17 11.17
N VAL B 377 17.63 0.25 11.78
CA VAL B 377 18.83 0.63 12.53
C VAL B 377 20.08 -0.01 12.00
N ALA B 378 20.01 -1.14 11.33
CA ALA B 378 21.19 -1.80 10.78
C ALA B 378 20.84 -2.93 9.82
N ILE B 379 21.76 -3.24 8.94
CA ILE B 379 21.65 -4.36 8.00
C ILE B 379 23.06 -4.96 7.96
N GLU B 380 23.23 -6.18 8.40
CA GLU B 380 24.57 -6.77 8.44
C GLU B 380 24.65 -8.16 7.83
N ASP B 381 25.76 -8.41 7.16
CA ASP B 381 26.02 -9.72 6.55
C ASP B 381 26.46 -10.66 7.65
N THR B 382 25.88 -11.85 7.77
CA THR B 382 26.29 -12.77 8.82
C THR B 382 27.60 -13.45 8.49
N GLY B 383 28.05 -13.44 7.24
CA GLY B 383 29.26 -14.16 6.84
C GLY B 383 28.98 -15.63 6.59
N GLY B 384 27.73 -16.06 6.73
CA GLY B 384 27.31 -17.44 6.51
C GLY B 384 26.41 -17.46 5.28
N GLN B 385 25.89 -18.65 4.95
CA GLN B 385 24.99 -18.73 3.80
C GLN B 385 23.55 -19.04 4.21
N THR B 386 22.65 -18.14 3.82
CA THR B 386 21.23 -18.29 4.09
C THR B 386 20.86 -18.47 5.54
N PRO B 387 20.92 -17.39 6.31
CA PRO B 387 20.55 -17.44 7.72
C PRO B 387 19.09 -17.82 7.88
N HIS B 388 18.80 -18.71 8.82
CA HIS B 388 17.44 -19.13 9.10
C HIS B 388 17.30 -19.29 10.62
N PRO B 389 17.01 -18.18 11.28
CA PRO B 389 16.92 -18.14 12.73
C PRO B 389 15.67 -18.67 13.37
N GLY B 390 14.56 -18.72 12.66
CA GLY B 390 13.29 -19.05 13.38
C GLY B 390 13.10 -17.69 14.11
N ARG B 391 12.91 -17.71 15.42
CA ARG B 391 12.86 -16.46 16.17
C ARG B 391 14.24 -16.18 16.74
N GLY B 392 15.21 -17.08 16.52
CA GLY B 392 16.58 -16.82 16.97
C GLY B 392 16.75 -17.13 18.46
N ALA B 393 17.92 -16.81 18.98
CA ALA B 393 18.26 -17.07 20.37
C ALA B 393 19.04 -15.92 21.03
N ASN B 394 18.42 -15.33 22.04
CA ASN B 394 19.02 -14.25 22.79
C ASN B 394 19.68 -14.73 24.08
N PHE B 395 20.89 -14.27 24.36
CA PHE B 395 21.54 -14.64 25.61
C PHE B 395 22.62 -13.61 25.95
N VAL B 396 23.21 -13.72 27.12
CA VAL B 396 24.30 -12.83 27.52
C VAL B 396 25.62 -13.56 27.31
N HIS B 397 26.41 -13.11 26.36
CA HIS B 397 27.73 -13.72 26.11
C HIS B 397 28.64 -13.27 27.25
N PRO B 398 29.51 -14.11 27.79
CA PRO B 398 30.39 -13.74 28.88
C PRO B 398 31.23 -12.51 28.61
N THR B 399 31.78 -12.33 27.42
CA THR B 399 32.58 -11.18 27.09
C THR B 399 31.89 -10.15 26.19
N PHE B 400 31.01 -10.53 25.27
CA PHE B 400 30.39 -9.54 24.38
C PHE B 400 29.15 -8.84 24.91
N GLY B 401 28.46 -9.37 25.90
CA GLY B 401 27.24 -8.72 26.37
C GLY B 401 26.04 -9.36 25.66
N PRO B 402 24.90 -8.70 25.69
CA PRO B 402 23.66 -9.19 25.09
C PRO B 402 23.80 -9.48 23.61
N VAL B 403 23.49 -10.70 23.19
CA VAL B 403 23.59 -11.05 21.78
C VAL B 403 22.36 -11.83 21.31
N TRP B 404 22.17 -11.87 20.01
CA TRP B 404 21.12 -12.70 19.42
C TRP B 404 21.85 -13.58 18.39
N ALA B 405 21.54 -14.87 18.36
CA ALA B 405 22.20 -15.76 17.42
C ALA B 405 21.27 -16.35 16.36
N THR B 406 21.88 -16.75 15.25
CA THR B 406 21.19 -17.45 14.19
C THR B 406 22.11 -18.52 13.59
N SER B 407 21.48 -19.64 13.19
CA SER B 407 22.29 -20.65 12.52
C SER B 407 21.97 -20.47 11.02
N HIS B 408 22.47 -21.35 10.16
CA HIS B 408 22.34 -21.19 8.73
C HIS B 408 21.95 -22.47 7.99
N MET B 409 21.22 -22.30 6.88
CA MET B 409 20.81 -23.45 6.08
C MET B 409 21.90 -23.89 5.11
N GLY B 410 22.66 -22.95 4.60
CA GLY B 410 23.70 -23.20 3.64
C GLY B 410 25.08 -23.50 4.17
N ASP B 411 25.31 -23.49 5.48
CA ASP B 411 26.66 -23.80 5.99
C ASP B 411 26.53 -24.10 7.48
N ASP B 412 27.66 -24.49 8.09
CA ASP B 412 27.60 -24.89 9.49
C ASP B 412 27.74 -23.76 10.49
N SER B 413 27.83 -22.52 10.02
CA SER B 413 28.06 -21.42 10.94
C SER B 413 26.87 -20.94 11.75
N VAL B 414 27.26 -20.40 12.91
CA VAL B 414 26.39 -19.76 13.87
C VAL B 414 26.90 -18.32 13.98
N ALA B 415 26.05 -17.31 13.86
CA ALA B 415 26.54 -15.94 14.00
C ALA B 415 25.93 -15.26 15.21
N LEU B 416 26.65 -14.36 15.83
CA LEU B 416 26.18 -13.61 16.98
C LEU B 416 26.16 -12.11 16.67
N ILE B 417 25.03 -11.48 16.96
CA ILE B 417 24.94 -10.02 16.75
C ILE B 417 24.72 -9.33 18.09
N GLY B 418 25.40 -8.22 18.31
CA GLY B 418 25.30 -7.48 19.58
C GLY B 418 23.98 -6.70 19.58
N THR B 419 23.20 -6.89 20.64
CA THR B 419 21.90 -6.26 20.74
C THR B 419 21.71 -5.25 21.87
N ASP B 420 22.77 -4.61 22.34
CA ASP B 420 22.65 -3.63 23.41
C ASP B 420 23.34 -2.34 23.02
N PRO B 421 22.62 -1.45 22.36
CA PRO B 421 23.18 -0.18 21.92
C PRO B 421 23.42 0.78 23.08
N GLU B 422 22.71 0.63 24.18
CA GLU B 422 22.89 1.53 25.31
C GLU B 422 24.15 1.22 26.13
N GLY B 423 24.35 -0.03 26.53
CA GLY B 423 25.46 -0.44 27.35
C GLY B 423 26.64 -1.04 26.62
N HIS B 424 26.49 -1.48 25.37
CA HIS B 424 27.60 -2.05 24.59
C HIS B 424 27.57 -1.48 23.18
N PRO B 425 27.64 -0.17 23.05
CA PRO B 425 27.47 0.53 21.79
C PRO B 425 28.45 0.18 20.72
N ASP B 426 29.69 -0.14 21.08
CA ASP B 426 30.71 -0.51 20.12
C ASP B 426 30.44 -1.91 19.56
N ASN B 427 29.70 -2.76 20.26
CA ASN B 427 29.33 -4.06 19.76
C ASN B 427 27.93 -4.12 19.13
N ALA B 428 27.12 -3.08 19.30
CA ALA B 428 25.74 -3.14 18.85
C ALA B 428 25.60 -3.28 17.34
N TRP B 429 24.80 -4.26 16.96
CA TRP B 429 24.45 -4.58 15.58
C TRP B 429 25.64 -4.94 14.72
N LYS B 430 26.65 -5.54 15.35
CA LYS B 430 27.82 -6.02 14.63
C LYS B 430 27.85 -7.53 14.79
N ILE B 431 28.38 -8.25 13.81
CA ILE B 431 28.51 -9.70 13.98
C ILE B 431 29.77 -9.85 14.86
N LEU B 432 29.61 -10.31 16.09
CA LEU B 432 30.74 -10.39 17.00
C LEU B 432 31.48 -11.71 16.89
N ASP B 433 30.77 -12.78 16.55
CA ASP B 433 31.45 -14.07 16.43
C ASP B 433 30.76 -14.90 15.37
N SER B 434 31.46 -15.89 14.84
CA SER B 434 30.93 -16.82 13.86
C SER B 434 31.69 -18.14 14.00
N PHE B 435 31.00 -19.24 14.33
CA PHE B 435 31.69 -20.51 14.51
C PHE B 435 30.80 -21.66 14.05
N PRO B 436 31.39 -22.81 13.75
CA PRO B 436 30.64 -23.95 13.27
C PRO B 436 29.98 -24.79 14.35
N ALA B 437 28.87 -25.42 13.96
CA ALA B 437 28.12 -26.35 14.80
C ALA B 437 28.16 -27.74 14.15
N LEU B 438 27.05 -28.46 14.07
CA LEU B 438 27.07 -29.79 13.48
C LEU B 438 27.39 -29.83 11.99
N GLY B 439 26.77 -28.95 11.23
CA GLY B 439 26.96 -28.93 9.79
C GLY B 439 25.87 -28.09 9.15
N GLY B 440 25.91 -28.00 7.83
CA GLY B 440 24.94 -27.20 7.07
C GLY B 440 23.54 -27.77 7.21
N GLY B 441 22.54 -27.12 6.65
CA GLY B 441 21.17 -27.59 6.74
C GLY B 441 20.51 -27.26 8.07
N SER B 442 21.02 -26.29 8.82
CA SER B 442 20.47 -25.95 10.11
C SER B 442 19.23 -25.06 9.96
N LEU B 443 18.23 -25.30 10.79
CA LEU B 443 17.00 -24.53 10.74
C LEU B 443 16.75 -23.75 12.02
N PHE B 444 17.04 -24.35 13.20
CA PHE B 444 16.69 -23.66 14.44
C PHE B 444 17.76 -23.70 15.52
N ILE B 445 17.86 -22.56 16.19
CA ILE B 445 18.77 -22.34 17.31
C ILE B 445 17.91 -21.90 18.50
N LYS B 446 18.25 -22.40 19.68
CA LYS B 446 17.44 -22.08 20.85
C LYS B 446 18.17 -21.98 22.18
N THR B 447 17.59 -21.13 23.03
CA THR B 447 18.09 -21.00 24.39
C THR B 447 16.97 -20.43 25.26
N HIS B 448 17.28 -20.25 26.53
CA HIS B 448 16.29 -19.74 27.47
C HIS B 448 17.08 -19.04 28.56
N PRO B 449 16.52 -18.04 29.20
CA PRO B 449 17.20 -17.35 30.31
C PRO B 449 17.59 -18.26 31.45
N ASN B 450 16.94 -19.38 31.78
CA ASN B 450 17.40 -20.21 32.87
C ASN B 450 18.49 -21.21 32.56
N SER B 451 19.03 -21.23 31.35
CA SER B 451 20.06 -22.16 30.95
C SER B 451 21.33 -21.55 30.39
N GLN B 452 22.44 -22.28 30.46
CA GLN B 452 23.70 -21.77 29.94
C GLN B 452 24.04 -22.40 28.59
N TYR B 453 23.11 -23.18 28.04
CA TYR B 453 23.37 -23.86 26.79
C TYR B 453 22.61 -23.33 25.59
N LEU B 454 23.29 -23.38 24.45
CA LEU B 454 22.77 -22.95 23.16
C LEU B 454 22.55 -24.14 22.24
N TYR B 455 21.31 -24.46 21.90
CA TYR B 455 21.02 -25.62 21.07
C TYR B 455 20.88 -25.26 19.60
N VAL B 456 21.47 -26.06 18.71
CA VAL B 456 21.45 -25.83 17.28
C VAL B 456 21.17 -27.11 16.51
N ASP B 457 20.09 -27.16 15.73
CA ASP B 457 19.82 -28.36 14.94
C ASP B 457 20.56 -28.35 13.60
N ALA B 458 20.32 -29.40 12.81
CA ALA B 458 20.99 -29.57 11.53
C ALA B 458 20.09 -30.41 10.62
N THR B 459 18.79 -30.15 10.77
CA THR B 459 17.70 -30.82 10.12
C THR B 459 17.85 -31.25 8.67
N LEU B 460 18.31 -30.37 7.80
CA LEU B 460 18.40 -30.63 6.38
C LEU B 460 19.74 -31.15 5.91
N ASN B 461 20.67 -31.42 6.81
CA ASN B 461 21.98 -31.93 6.40
C ASN B 461 21.82 -33.28 5.72
N PRO B 462 22.60 -33.53 4.67
CA PRO B 462 22.51 -34.77 3.90
C PRO B 462 22.81 -36.03 4.69
N GLU B 463 23.76 -35.98 5.61
CA GLU B 463 24.14 -37.10 6.44
C GLU B 463 23.19 -37.30 7.61
N ALA B 464 22.61 -38.48 7.75
CA ALA B 464 21.71 -38.79 8.86
C ALA B 464 22.42 -38.79 10.20
N GLU B 465 23.72 -39.09 10.27
CA GLU B 465 24.46 -39.05 11.52
C GLU B 465 24.38 -37.65 12.11
N ILE B 466 24.35 -36.62 11.27
CA ILE B 466 24.23 -35.22 11.59
C ILE B 466 22.79 -34.73 11.74
N SER B 467 21.92 -34.92 10.76
CA SER B 467 20.54 -34.46 10.81
C SER B 467 19.72 -35.03 11.95
N GLY B 468 20.12 -36.16 12.53
CA GLY B 468 19.45 -36.75 13.67
C GLY B 468 20.07 -36.28 14.99
N SER B 469 21.00 -35.34 14.99
CA SER B 469 21.62 -34.89 16.23
C SER B 469 21.51 -33.39 16.49
N VAL B 470 22.00 -32.89 17.63
CA VAL B 470 21.96 -31.48 17.98
C VAL B 470 23.27 -31.05 18.64
N ALA B 471 23.74 -29.86 18.25
CA ALA B 471 24.94 -29.31 18.85
C ALA B 471 24.54 -28.44 20.05
N VAL B 472 25.39 -28.39 21.08
CA VAL B 472 25.10 -27.64 22.29
C VAL B 472 26.40 -26.98 22.76
N PHE B 473 26.41 -25.65 22.78
CA PHE B 473 27.58 -24.93 23.22
C PHE B 473 27.30 -24.39 24.62
N ASP B 474 28.31 -24.33 25.46
CA ASP B 474 28.16 -23.79 26.82
C ASP B 474 28.37 -22.28 26.73
N ILE B 475 27.32 -21.51 26.90
CA ILE B 475 27.39 -20.05 26.83
C ILE B 475 28.40 -19.46 27.81
N LYS B 476 28.40 -19.90 29.06
CA LYS B 476 29.34 -19.44 30.06
C LYS B 476 30.80 -19.68 29.71
N ALA B 477 31.11 -20.65 28.87
CA ALA B 477 32.48 -20.93 28.47
C ALA B 477 32.92 -20.09 27.28
N MET B 478 32.00 -19.34 26.66
CA MET B 478 32.37 -18.54 25.50
C MET B 478 33.34 -17.44 25.87
N THR B 479 34.40 -17.26 25.09
CA THR B 479 35.42 -16.27 25.35
C THR B 479 35.47 -15.22 24.25
N GLY B 480 35.60 -15.66 23.00
CA GLY B 480 35.70 -14.74 21.87
C GLY B 480 37.17 -14.37 21.66
N ASP B 481 37.98 -15.36 21.28
CA ASP B 481 39.40 -15.17 21.06
C ASP B 481 39.83 -15.75 19.70
N GLY B 482 38.88 -16.41 19.04
CA GLY B 482 39.12 -17.03 17.74
C GLY B 482 38.86 -18.53 17.84
N SER B 483 39.21 -19.07 19.01
CA SER B 483 39.02 -20.49 19.25
C SER B 483 37.55 -20.85 19.06
N ASP B 484 37.30 -21.81 18.19
CA ASP B 484 35.93 -22.26 17.96
C ASP B 484 35.36 -22.81 19.27
N PRO B 485 34.27 -22.25 19.78
CA PRO B 485 33.63 -22.79 20.96
C PRO B 485 33.37 -24.27 20.70
N GLU B 486 33.71 -25.15 21.63
CA GLU B 486 33.42 -26.57 21.39
C GLU B 486 31.93 -26.77 21.68
N PHE B 487 31.36 -27.84 21.14
CA PHE B 487 29.95 -28.13 21.36
C PHE B 487 29.78 -29.60 21.70
N LYS B 488 28.70 -29.92 22.38
CA LYS B 488 28.44 -31.32 22.72
C LYS B 488 27.39 -31.82 21.72
N THR B 489 27.58 -33.02 21.19
CA THR B 489 26.65 -33.57 20.22
C THR B 489 25.64 -34.47 20.91
N LEU B 490 24.35 -34.10 20.92
CA LEU B 490 23.37 -35.00 21.53
C LEU B 490 22.85 -35.91 20.43
N PRO B 491 22.76 -37.21 20.68
CA PRO B 491 22.26 -38.19 19.72
C PRO B 491 20.75 -38.33 19.80
N ILE B 492 20.07 -37.20 19.57
CA ILE B 492 18.63 -37.07 19.61
C ILE B 492 17.95 -38.22 18.91
N ALA B 493 18.22 -38.43 17.62
CA ALA B 493 17.57 -39.55 16.91
C ALA B 493 17.88 -40.88 17.59
N GLU B 494 19.14 -41.17 17.89
CA GLU B 494 19.46 -42.41 18.60
C GLU B 494 18.62 -42.52 19.86
N TRP B 495 18.45 -41.44 20.65
CA TRP B 495 17.66 -41.52 21.87
C TRP B 495 16.20 -41.86 21.63
N ALA B 496 15.66 -41.47 20.48
CA ALA B 496 14.29 -41.82 20.10
C ALA B 496 14.17 -43.33 20.07
N GLY B 497 15.20 -44.01 19.57
CA GLY B 497 15.25 -45.46 19.57
C GLY B 497 14.47 -46.00 18.37
N ILE B 498 14.69 -45.29 17.26
CA ILE B 498 14.05 -45.55 15.99
C ILE B 498 15.09 -45.90 14.94
N THR B 499 14.71 -46.71 13.97
CA THR B 499 15.53 -47.18 12.88
C THR B 499 14.87 -46.88 11.54
N GLU B 500 13.56 -47.05 11.43
CA GLU B 500 12.82 -46.87 10.20
C GLU B 500 12.71 -45.44 9.67
N GLY B 501 12.35 -45.39 8.39
CA GLY B 501 12.18 -44.19 7.62
C GLY B 501 13.45 -43.38 7.48
N GLN B 502 13.32 -42.07 7.65
CA GLN B 502 14.46 -41.15 7.60
C GLN B 502 14.19 -40.00 8.56
N PRO B 503 14.26 -40.31 9.86
CA PRO B 503 14.00 -39.34 10.90
C PRO B 503 14.94 -38.17 10.84
N ARG B 504 14.41 -36.96 10.93
CA ARG B 504 15.24 -35.76 10.96
C ARG B 504 14.86 -34.99 12.23
N VAL B 505 15.83 -34.37 12.89
CA VAL B 505 15.51 -33.65 14.13
C VAL B 505 15.34 -32.16 13.87
N VAL B 506 14.27 -31.58 14.41
CA VAL B 506 14.08 -30.14 14.19
C VAL B 506 13.56 -29.33 15.37
N GLN B 507 14.04 -28.11 15.52
CA GLN B 507 13.59 -27.12 16.46
C GLN B 507 13.46 -27.46 17.94
N GLY B 508 14.38 -26.90 18.74
CA GLY B 508 14.30 -27.03 20.20
C GLY B 508 13.23 -26.07 20.71
N GLU B 509 12.52 -26.47 21.76
CA GLU B 509 11.50 -25.64 22.39
C GLU B 509 11.51 -25.95 23.89
N PHE B 510 11.64 -24.90 24.70
CA PHE B 510 11.75 -25.11 26.14
C PHE B 510 10.39 -25.13 26.82
N ASN B 511 10.37 -25.78 27.99
CA ASN B 511 9.14 -25.77 28.80
C ASN B 511 9.07 -24.39 29.46
N LYS B 512 8.07 -24.15 30.29
CA LYS B 512 7.93 -22.86 30.97
C LYS B 512 9.00 -22.52 31.98
N ASP B 513 9.60 -23.48 32.68
CA ASP B 513 10.61 -23.15 33.68
C ASP B 513 11.99 -23.03 33.04
N GLY B 514 12.13 -23.54 31.82
CA GLY B 514 13.45 -23.45 31.18
C GLY B 514 14.39 -24.56 31.66
N THR B 515 13.85 -25.65 32.15
CA THR B 515 14.64 -26.76 32.65
C THR B 515 14.74 -27.91 31.67
N GLU B 516 13.85 -27.97 30.68
CA GLU B 516 13.87 -29.05 29.70
C GLU B 516 13.63 -28.53 28.29
N VAL B 517 14.33 -29.08 27.31
CA VAL B 517 14.17 -28.67 25.92
C VAL B 517 13.70 -29.81 25.02
N TRP B 518 12.64 -29.51 24.26
CA TRP B 518 12.04 -30.51 23.39
C TRP B 518 12.48 -30.38 21.94
N PHE B 519 12.67 -31.50 21.26
CA PHE B 519 13.07 -31.56 19.87
C PHE B 519 12.14 -32.53 19.15
N SER B 520 11.78 -32.22 17.89
CA SER B 520 10.93 -33.16 17.16
C SER B 520 11.81 -34.11 16.34
N VAL B 521 11.45 -35.38 16.42
CA VAL B 521 12.14 -36.40 15.60
C VAL B 521 11.13 -36.61 14.47
N TRP B 522 11.34 -35.89 13.37
CA TRP B 522 10.38 -35.84 12.27
C TRP B 522 10.57 -36.94 11.24
N ASN B 523 9.59 -37.82 11.11
CA ASN B 523 9.68 -38.97 10.22
C ASN B 523 8.49 -38.94 9.27
N GLY B 524 8.51 -39.79 8.25
CA GLY B 524 7.45 -39.83 7.27
C GLY B 524 6.10 -40.12 7.90
N LYS B 525 5.05 -39.72 7.19
CA LYS B 525 3.67 -39.92 7.61
C LYS B 525 3.31 -41.33 8.01
N ASP B 526 3.81 -42.36 7.33
CA ASP B 526 3.50 -43.74 7.70
C ASP B 526 4.56 -44.37 8.58
N GLN B 527 5.47 -43.57 9.13
CA GLN B 527 6.54 -44.07 9.97
C GLN B 527 6.42 -43.56 11.40
N GLU B 528 7.27 -44.11 12.27
CA GLU B 528 7.25 -43.73 13.67
C GLU B 528 8.06 -42.43 13.88
N SER B 529 7.36 -41.48 14.51
CA SER B 529 8.01 -40.24 14.89
C SER B 529 8.08 -40.19 16.42
N ALA B 530 8.65 -39.11 16.94
CA ALA B 530 8.71 -38.91 18.38
C ALA B 530 9.12 -37.50 18.75
N LEU B 531 8.99 -37.19 20.03
CA LEU B 531 9.52 -35.95 20.59
C LEU B 531 10.51 -36.40 21.68
N VAL B 532 11.74 -35.87 21.67
CA VAL B 532 12.74 -36.21 22.66
C VAL B 532 12.84 -35.08 23.68
N VAL B 533 12.74 -35.33 24.97
CA VAL B 533 12.88 -34.25 25.94
C VAL B 533 14.29 -34.35 26.53
N VAL B 534 15.05 -33.27 26.42
CA VAL B 534 16.40 -33.27 26.97
C VAL B 534 16.41 -32.49 28.29
N ASP B 535 17.11 -33.02 29.30
CA ASP B 535 17.18 -32.31 30.58
C ASP B 535 18.22 -31.20 30.41
N ASP B 536 17.82 -29.95 30.54
CA ASP B 536 18.76 -28.87 30.30
C ASP B 536 19.98 -28.88 31.21
N LYS B 537 19.80 -29.10 32.50
CA LYS B 537 20.90 -29.08 33.44
C LYS B 537 21.97 -30.14 33.20
N THR B 538 21.55 -31.36 32.89
CA THR B 538 22.48 -32.46 32.66
C THR B 538 22.73 -32.77 31.20
N LEU B 539 21.98 -32.20 30.26
CA LEU B 539 22.14 -32.46 28.84
C LEU B 539 21.98 -33.95 28.56
N GLU B 540 21.04 -34.56 29.28
CA GLU B 540 20.76 -35.96 29.21
C GLU B 540 19.31 -36.19 28.82
N LEU B 541 19.08 -37.36 28.22
CA LEU B 541 17.74 -37.73 27.84
C LEU B 541 16.84 -37.69 29.07
N LYS B 542 15.71 -36.99 28.96
CA LYS B 542 14.74 -36.90 30.02
C LYS B 542 13.53 -37.79 29.74
N HIS B 543 13.03 -37.73 28.51
CA HIS B 543 11.85 -38.51 28.14
C HIS B 543 11.64 -38.55 26.63
N VAL B 544 11.11 -39.65 26.13
CA VAL B 544 10.88 -39.85 24.70
C VAL B 544 9.39 -40.02 24.51
N ILE B 545 8.77 -39.13 23.73
CA ILE B 545 7.33 -39.18 23.51
C ILE B 545 7.00 -39.87 22.19
N LYS B 546 6.37 -41.02 22.27
CA LYS B 546 5.97 -41.79 21.09
C LYS B 546 4.46 -42.01 21.21
N ASP B 547 3.75 -41.98 20.10
CA ASP B 547 2.30 -42.21 20.12
C ASP B 547 1.84 -42.44 18.68
N GLU B 548 0.85 -43.30 18.51
CA GLU B 548 0.28 -43.61 17.21
C GLU B 548 -0.11 -42.34 16.47
N ARG B 549 -0.80 -41.43 17.17
CA ARG B 549 -1.26 -40.15 16.71
C ARG B 549 -0.19 -39.12 16.47
N LEU B 550 1.06 -39.29 16.85
CA LEU B 550 2.11 -38.30 16.65
C LEU B 550 2.69 -38.39 15.24
N VAL B 551 1.90 -37.98 14.26
CA VAL B 551 2.28 -38.03 12.86
C VAL B 551 3.01 -36.79 12.39
N THR B 552 4.19 -36.97 11.82
CA THR B 552 5.05 -35.93 11.30
C THR B 552 5.01 -34.68 12.17
N PRO B 553 5.46 -34.80 13.41
CA PRO B 553 5.53 -33.69 14.33
C PRO B 553 6.64 -32.74 13.92
N THR B 554 6.36 -31.45 13.76
CA THR B 554 7.46 -30.55 13.40
C THR B 554 7.54 -29.39 14.39
N GLY B 555 6.89 -28.27 14.08
CA GLY B 555 6.94 -27.12 14.99
C GLY B 555 6.24 -27.42 16.30
N LYS B 556 6.88 -27.06 17.39
CA LYS B 556 6.34 -27.27 18.74
C LYS B 556 6.30 -25.93 19.46
N PHE B 557 5.18 -25.53 20.07
CA PHE B 557 5.19 -24.21 20.71
C PHE B 557 4.70 -24.25 22.15
N ASN B 558 5.59 -23.90 23.09
CA ASN B 558 5.18 -23.86 24.50
C ASN B 558 4.31 -22.61 24.73
N VAL B 559 3.15 -22.80 25.34
CA VAL B 559 2.18 -21.74 25.56
C VAL B 559 2.77 -20.49 26.20
N TYR B 560 3.42 -20.64 27.35
CA TYR B 560 4.02 -19.51 28.05
C TYR B 560 5.12 -18.84 27.27
N ASN B 561 6.06 -19.61 26.73
CA ASN B 561 7.16 -19.01 25.99
C ASN B 561 6.74 -18.33 24.70
N THR B 562 5.61 -18.73 24.11
CA THR B 562 5.11 -18.15 22.90
C THR B 562 4.31 -16.90 23.22
N MET B 563 3.48 -16.96 24.26
CA MET B 563 2.71 -15.79 24.65
C MET B 563 3.58 -14.62 25.11
N THR B 564 4.74 -14.84 25.71
CA THR B 564 5.61 -13.83 26.23
C THR B 564 6.82 -13.54 25.37
N ASP B 565 6.99 -14.25 24.27
CA ASP B 565 8.13 -14.10 23.38
C ASP B 565 9.46 -14.27 24.14
N THR B 566 9.61 -15.40 24.81
CA THR B 566 10.81 -15.75 25.55
C THR B 566 11.66 -16.73 24.75
N TYR B 567 12.77 -16.23 24.21
CA TYR B 567 13.69 -16.99 23.40
C TYR B 567 14.96 -16.18 23.24
FE HEC C . -5.40 12.43 -30.33
CHA HEC C . -8.45 12.60 -31.84
CHB HEC C . -4.54 9.84 -32.38
CHC HEC C . -2.26 12.39 -28.95
CHD HEC C . -6.33 14.79 -28.05
NA HEC C . -6.30 11.42 -31.81
C1A HEC C . -7.56 11.66 -32.32
C2A HEC C . -7.79 10.78 -33.46
C3A HEC C . -6.71 10.02 -33.60
C4A HEC C . -5.77 10.39 -32.55
CMA HEC C . -6.42 8.90 -34.63
CAA HEC C . -9.11 10.80 -34.26
CBA HEC C . -10.23 9.90 -33.73
CGA HEC C . -11.61 10.15 -34.25
O1A HEC C . -12.52 9.42 -33.81
O2A HEC C . -11.81 11.06 -35.11
NB HEC C . -3.75 11.33 -30.59
C1B HEC C . -3.59 10.29 -31.49
C2B HEC C . -2.26 9.73 -31.35
C3B HEC C . -1.63 10.45 -30.41
C4B HEC C . -2.54 11.46 -29.94
CMB HEC C . -1.77 8.53 -32.18
CAB HEC C . -0.17 10.19 -29.91
CBB HEC C . 0.76 10.70 -30.80
NC HEC C . -4.48 13.40 -28.80
C1C HEC C . -3.16 13.26 -28.42
C2C HEC C . -2.90 14.17 -27.31
C3C HEC C . -4.01 14.84 -27.08
C4C HEC C . -5.03 14.35 -27.97
CMC HEC C . -1.52 14.29 -26.59
CAC HEC C . -4.24 15.89 -25.92
CBC HEC C . -3.40 16.97 -25.94
ND HEC C . -7.05 13.46 -29.99
C1D HEC C . -7.26 14.40 -29.00
C2D HEC C . -8.58 14.95 -29.16
C3D HEC C . -9.16 14.35 -30.20
C4D HEC C . -8.21 13.42 -30.75
CMD HEC C . -9.19 16.04 -28.23
CAD HEC C . -10.58 14.57 -30.78
CBD HEC C . -10.56 15.60 -31.91
CGD HEC C . -11.81 16.25 -32.36
O1D HEC C . -11.72 16.97 -33.39
O2D HEC C . -12.87 16.03 -31.73
FE DHE D . -9.30 19.23 -13.52
CHA DHE D . -7.92 20.24 -10.60
CHB DHE D . -8.70 15.99 -12.68
CHC DHE D . -11.13 18.21 -16.23
CHD DHE D . -9.66 22.48 -14.51
NA DHE D . -8.46 18.27 -11.96
C1A DHE D . -7.96 18.89 -10.84
C2A DHE D . -7.46 17.89 -9.93
C3A DHE D . -7.65 16.69 -10.49
C4A DHE D . -8.28 16.92 -11.78
CMA DHE D . -7.30 15.31 -9.90
CAA DHE D . -6.80 18.29 -8.59
CBA DHE D . -5.36 18.79 -8.79
CGA DHE D . -4.54 19.08 -7.57
O1A DHE D . -5.08 18.86 -6.46
O2A DHE D . -3.39 19.52 -7.75
NB DHE D . -9.78 17.46 -14.34
C1B DHE D . -9.45 16.21 -13.81
C2B DHE D . -10.14 15.20 -14.57
OMB DHE D . -10.00 13.70 -14.26
C3B DHE D . -10.84 15.82 -15.52
CGB DHE D . -12.26 15.75 -14.90
CAB DHE D . -10.65 15.32 -16.93
CBB DHE D . -9.47 14.98 -17.40
O1B DHE D . -9.36 13.98 -18.18
O2B DHE D . -8.44 15.65 -17.10
C4B DHE D . -10.60 17.23 -15.43
NC DHE D . -10.18 20.18 -15.09
C1C DHE D . -10.93 19.58 -16.09
C2C DHE D . -11.43 20.59 -16.98
OMC DHE D . -12.28 20.27 -18.21
C3C DHE D . -11.02 21.78 -16.52
CGC DHE D . -12.40 22.47 -16.25
CAC DHE D . -10.28 22.63 -17.55
CBC DHE D . -9.24 22.11 -18.18
O1C DHE D . -8.14 22.73 -18.23
O2C DHE D . -9.29 20.99 -18.76
C4C DHE D . -10.22 21.54 -15.32
ND DHE D . -8.85 21.00 -12.72
C1D DHE D . -9.09 22.25 -13.26
C2D DHE D . -8.76 23.27 -12.28
C3D DHE D . -8.29 22.66 -11.19
C4D DHE D . -8.31 21.23 -11.46
CMD DHE D . -8.96 24.78 -12.58
CAD DHE D . -7.77 23.27 -9.87
CBD DHE D . -8.44 24.56 -9.42
CGD DHE D . -8.16 25.02 -8.02
O1D DHE D . -8.46 26.21 -7.74
O2D DHE D . -7.63 24.20 -7.24
C CYN E . -11.16 19.10 -12.69
N CYN E . -11.76 19.08 -11.71
S SO4 F . -8.49 4.05 -20.36
O1 SO4 F . -8.50 5.47 -19.84
O2 SO4 F . -7.41 3.26 -19.70
O3 SO4 F . -9.82 3.44 -20.03
O4 SO4 F . -8.30 4.11 -21.83
FE HEC G . -0.97 -33.04 -4.21
CHA HEC G . 1.60 -34.91 -5.38
CHB HEC G . -2.62 -33.35 -7.18
CHC HEC G . -3.71 -31.42 -2.87
CHD HEC G . 0.78 -32.40 -1.32
NA HEC G . -0.58 -33.96 -5.93
C1A HEC G . 0.54 -34.71 -6.24
C2A HEC G . 0.42 -35.21 -7.59
C3A HEC G . -0.74 -34.76 -8.08
C4A HEC G . -1.38 -33.98 -7.06
CMA HEC G . -1.37 -35.00 -9.47
CAA HEC G . 1.48 -36.09 -8.29
CBA HEC G . 2.46 -35.35 -9.18
CGA HEC G . 3.70 -36.08 -9.59
O1A HEC G . 4.54 -35.43 -10.27
O2A HEC G . 3.83 -37.28 -9.25
NB HEC G . -2.79 -32.49 -4.89
C1B HEC G . -3.28 -32.68 -6.18
C2B HEC G . -4.59 -32.09 -6.27
C3B HEC G . -4.87 -31.57 -5.07
C4B HEC G . -3.77 -31.83 -4.17
CMB HEC G . -5.44 -32.08 -7.56
CAB HEC G . -6.19 -30.78 -4.71
CBB HEC G . -7.25 -31.63 -4.46
NC HEC G . -1.39 -32.11 -2.45
C1C HEC G . -2.58 -31.51 -2.10
C2C HEC G . -2.44 -30.94 -0.78
C3C HEC G . -1.22 -31.24 -0.36
C4C HEC G . -0.52 -31.94 -1.39
CMC HEC G . -3.57 -30.18 -0.03
CAC HEC G . -0.58 -30.78 1.02
CBC HEC G . -1.15 -31.41 2.09
ND HEC G . 0.84 -33.54 -3.50
C1D HEC G . 1.40 -33.16 -2.27
C2D HEC G . 2.73 -33.74 -2.18
C3D HEC G . 2.95 -34.43 -3.29
C4D HEC G . 1.77 -34.34 -4.13
CMD HEC G . 3.67 -33.56 -0.96
CAD HEC G . 4.19 -35.27 -3.70
CBD HEC G . 3.86 -36.76 -3.59
CGD HEC G . 5.01 -37.72 -3.53
O1D HEC G . 4.70 -38.87 -3.18
O2D HEC G . 6.17 -37.32 -3.82
FE DHE H . 8.10 -22.69 7.97
CHA DHE H . 7.90 -20.49 10.56
CHB DHE H . 7.37 -20.22 5.76
CHC DHE H . 8.96 -24.79 5.43
CHD DHE H . 8.74 -25.24 10.22
NA DHE H . 7.69 -20.73 8.12
C1A DHE H . 7.64 -20.00 9.29
C2A DHE H . 7.26 -18.65 8.97
C3A DHE H . 7.11 -18.55 7.66
C4A DHE H . 7.37 -19.85 7.09
CMA DHE H . 6.72 -17.32 6.84
CAA DHE H . 7.08 -17.57 10.08
CBA DHE H . 5.69 -17.68 10.73
CGA DHE H . 5.28 -16.67 11.75
O1A DHE H . 5.97 -15.63 11.84
O2A DHE H . 4.26 -16.95 12.44
NB DHE H . 8.16 -22.54 5.97
C1B DHE H . 7.78 -21.44 5.24
C2B DHE H . 7.99 -21.72 3.84
OMB DHE H . 7.72 -20.70 2.73
C3B DHE H . 8.68 -22.87 3.78
CGB DHE H . 10.18 -22.46 3.67
CAB DHE H . 8.24 -23.80 2.67
CBB DHE H . 6.95 -24.11 2.59
O1B DHE H . 6.41 -24.43 1.47
O2B DHE H . 6.14 -24.13 3.55
C4B DHE H . 8.55 -23.52 5.08
NC DHE H . 8.74 -24.63 7.85
C1C DHE H . 9.03 -25.32 6.70
C2C DHE H . 9.37 -26.68 7.03
OMC DHE H . 9.73 -27.74 5.99
C3C DHE H . 9.27 -26.82 8.35
CGC DHE H . 10.72 -27.07 8.89
CAC DHE H . 8.35 -27.93 8.81
CBC DHE H . 7.08 -27.93 8.42
O1C DHE H . 6.15 -28.03 9.29
O2C DHE H . 6.67 -27.85 7.23
C4C DHE H . 8.90 -25.52 8.89
ND DHE H . 8.28 -22.83 9.98
C1D DHE H . 8.52 -23.97 10.72
C2D DHE H . 8.60 -23.63 12.12
C3D DHE H . 8.38 -22.31 12.22
C4D DHE H . 8.18 -21.79 10.88
CMD DHE H . 8.87 -24.65 13.25
CAD DHE H . 8.34 -21.44 13.50
CBD DHE H . 9.54 -21.56 14.44
CGD DHE H . 9.52 -20.69 15.67
O1D DHE H . 9.97 -21.19 16.73
O2D DHE H . 9.07 -19.53 15.54
C CYN I . 10.07 -22.15 7.96
N CYN I . 10.73 -21.36 7.46
O1 SO4 J . 8.88 -36.92 -9.42
O2 SO4 J . 9.10 -36.00 -11.60
O3 SO4 J . 9.44 -34.60 -9.72
O4 SO4 J . 11.03 -36.19 -10.23
S SO4 K . 3.61 -46.00 -2.56
O1 SO4 K . 4.22 -47.29 -2.98
O2 SO4 K . 2.57 -45.55 -3.57
O3 SO4 K . 2.91 -46.20 -1.24
O4 SO4 K . 4.61 -44.89 -2.43
#